data_6SS4
#
_entry.id   6SS4
#
_cell.length_a   150.380
_cell.length_b   150.380
_cell.length_c   110.740
_cell.angle_alpha   90.000
_cell.angle_beta   90.000
_cell.angle_gamma   120.000
#
_symmetry.space_group_name_H-M   'P 3 2 1'
#
loop_
_entity.id
_entity.type
_entity.pdbx_description
1 polymer 'Arginase-2, mitochondrial'
2 polymer 'Fab C0021181 heavy chain (IgG1)'
3 polymer 'Fab C0021181 light chain (IgG1)'
4 non-polymer 'MANGANESE (II) ION'
5 non-polymer 'PHOSPHATE ION'
#
loop_
_entity_poly.entity_id
_entity_poly.type
_entity_poly.pdbx_seq_one_letter_code
_entity_poly.pdbx_strand_id
1 'polypeptide(L)'
;MVHSVAVIGAPFSQGQKRKGVEHGPAAIREAGLMKRLSSLGCHLKDFGDLSFTPVPKDDLYNNLIVNPRSVGLANQELAE
VVSRAVSDGYSCVTLGGDHSLAIGTISGHARHCPDLCVVWVDAHADINTPLTTSSGNLHGQPVSFLLRELQDKVPQLPGF
SWIKPCISSASIVYIGLRDVDPPEHFILKNYDIQYFSMRDIDRLGIQKVMERTFDLLIGKRQRPIHLSFDIDAFDPTLAP
ATGTPVVGGLTYREGMYIAEEIHNTGLLSALDLVEVNPQLATSEEEAKTTANLAVDVIASSFGQTREGGHIVYDQLPTPS
SPDESENQARVRIHHHHHH
;
AAA
2 'polypeptide(L)'
;GAHSEVQLLESGGGLVRPGGSLRLSCAASEFTFRYDYHVWVRQAPGKGLEWVSAISGSGGSTYYADSVKSRFTISRDNSK
NTLYLQMNSLRAEDTAVYYCARLRADLGLYMDLWGRGTLVTVSSASTKGPSVFPLAPSSKSTSGGTAALGCLVKDYFPEP
VTVSWNSGALTSGVHTFPAVLQSSGLYSLSSVVTVPSSSLGTQTYICNVNHKPSNTKVDKRVEPKSCDKTHAA
;
HHH
3 'polypeptide(L)'
;GVHSQSVLTQPPSVSAAPGQKVAVSCSGSSSNIGSHYVSWYQQLPGTAPKLLIYDNSERTSGIPDRFSGSKSGTSATLGI
TGLQTGDEADYYCGTWDELTSNLVFGGGTRLTVLGQPKAAPSVTLFPPSSEELQANKATLVCLISDFYPGAVTVAWKADS
SPVKAGVETTTPSKQSNNKYAASSYLSLTPEQWKSHRSYSCQVTHEGSTVEKTVAPTECS
;
LLL
#
loop_
_chem_comp.id
_chem_comp.type
_chem_comp.name
_chem_comp.formula
MN non-polymer 'MANGANESE (II) ION' 'Mn 2'
PO4 non-polymer 'PHOSPHATE ION' 'O4 P -3'
#
# COMPACT_ATOMS: atom_id res chain seq x y z
N MET A 1 9.55 -13.56 -42.30
CA MET A 1 9.62 -14.76 -43.15
C MET A 1 10.77 -15.65 -42.66
N VAL A 2 10.97 -15.72 -41.31
CA VAL A 2 11.87 -16.64 -40.51
C VAL A 2 13.23 -16.88 -41.20
N HIS A 3 14.03 -15.83 -41.38
CA HIS A 3 15.44 -16.00 -41.82
C HIS A 3 16.36 -15.58 -40.68
N SER A 4 15.87 -14.64 -39.86
CA SER A 4 16.52 -14.04 -38.67
C SER A 4 15.49 -13.94 -37.53
N VAL A 5 15.78 -13.19 -36.46
CA VAL A 5 14.88 -13.26 -35.27
C VAL A 5 14.63 -11.89 -34.66
N ALA A 6 13.36 -11.63 -34.33
CA ALA A 6 12.86 -10.36 -33.76
C ALA A 6 12.41 -10.60 -32.31
N VAL A 7 12.83 -9.75 -31.38
CA VAL A 7 12.33 -9.90 -29.97
C VAL A 7 11.45 -8.71 -29.59
N ILE A 8 10.19 -8.96 -29.19
CA ILE A 8 9.16 -7.92 -29.00
C ILE A 8 8.58 -8.15 -27.64
N GLY A 9 8.62 -7.13 -26.81
CA GLY A 9 8.08 -7.22 -25.45
C GLY A 9 6.67 -6.71 -25.50
N ALA A 10 5.74 -7.44 -24.92
CA ALA A 10 4.34 -7.01 -24.92
C ALA A 10 3.83 -7.27 -23.54
N PRO A 11 4.00 -6.29 -22.61
CA PRO A 11 3.65 -6.47 -21.22
C PRO A 11 2.17 -6.10 -20.99
N PHE A 12 1.23 -6.96 -21.35
CA PHE A 12 -0.22 -6.69 -21.30
C PHE A 12 -0.82 -7.58 -20.23
N SER A 13 -1.85 -7.10 -19.56
CA SER A 13 -2.65 -7.87 -18.59
C SER A 13 -3.93 -7.12 -18.27
N GLN A 14 -4.78 -7.63 -17.40
CA GLN A 14 -6.00 -6.89 -17.06
C GLN A 14 -5.82 -6.36 -15.64
N GLY A 15 -4.62 -6.52 -15.08
CA GLY A 15 -4.39 -6.06 -13.70
C GLY A 15 -4.85 -7.08 -12.67
N GLN A 16 -5.47 -6.60 -11.59
CA GLN A 16 -5.97 -7.38 -10.43
C GLN A 16 -4.86 -8.29 -9.89
N LYS A 17 -5.14 -9.47 -9.36
CA LYS A 17 -4.03 -10.24 -8.73
C LYS A 17 -2.91 -10.56 -9.74
N ARG A 18 -3.19 -10.68 -11.04
CA ARG A 18 -2.18 -11.14 -12.03
C ARG A 18 -1.61 -9.93 -12.77
N LYS A 19 -0.98 -9.00 -12.10
CA LYS A 19 -0.49 -7.76 -12.73
C LYS A 19 1.04 -7.78 -12.75
N GLY A 20 1.70 -8.76 -12.15
CA GLY A 20 3.16 -8.86 -12.16
C GLY A 20 3.60 -9.54 -13.44
N VAL A 21 2.62 -10.03 -14.20
CA VAL A 21 2.78 -10.65 -15.56
C VAL A 21 3.29 -9.58 -16.53
N GLU A 22 3.20 -8.28 -16.13
CA GLU A 22 3.59 -7.25 -17.13
C GLU A 22 5.08 -7.08 -17.00
N HIS A 23 5.68 -7.82 -16.08
CA HIS A 23 7.09 -7.63 -15.72
C HIS A 23 7.87 -8.78 -16.28
N GLY A 24 7.20 -9.60 -17.11
CA GLY A 24 7.72 -10.88 -17.64
C GLY A 24 8.82 -10.60 -18.66
N PRO A 25 8.63 -9.72 -19.64
CA PRO A 25 9.66 -9.54 -20.63
C PRO A 25 11.01 -9.21 -19.98
N ALA A 26 11.02 -8.36 -18.94
CA ALA A 26 12.25 -7.93 -18.27
C ALA A 26 12.87 -9.18 -17.64
N ALA A 27 12.02 -9.97 -16.98
CA ALA A 27 12.47 -11.20 -16.27
C ALA A 27 13.17 -12.10 -17.29
N ILE A 28 12.56 -12.31 -18.44
CA ILE A 28 13.15 -13.19 -19.47
C ILE A 28 14.36 -12.46 -20.04
N ARG A 29 14.20 -11.17 -20.39
CA ARG A 29 15.32 -10.38 -20.93
C ARG A 29 16.50 -10.62 -19.96
N GLU A 30 16.25 -10.49 -18.63
CA GLU A 30 17.17 -10.69 -17.45
C GLU A 30 17.59 -12.16 -17.20
N ALA A 31 17.01 -13.15 -17.88
CA ALA A 31 17.46 -14.57 -17.89
C ALA A 31 18.55 -14.76 -18.94
N GLY A 32 18.97 -13.69 -19.62
CA GLY A 32 20.06 -13.70 -20.61
C GLY A 32 19.53 -14.21 -21.92
N LEU A 33 18.33 -13.78 -22.29
CA LEU A 33 17.66 -14.30 -23.51
C LEU A 33 18.59 -14.01 -24.69
N MET A 34 18.90 -12.73 -24.91
CA MET A 34 19.54 -12.26 -26.15
C MET A 34 20.92 -12.92 -26.27
N LYS A 35 21.67 -13.04 -25.18
CA LYS A 35 22.98 -13.72 -25.25
C LYS A 35 22.74 -15.03 -26.00
N ARG A 36 21.90 -15.89 -25.39
CA ARG A 36 21.66 -17.27 -25.86
C ARG A 36 21.46 -17.17 -27.36
N LEU A 37 20.42 -16.42 -27.72
CA LEU A 37 20.00 -16.32 -29.14
C LEU A 37 21.18 -15.82 -29.98
N SER A 38 21.91 -14.82 -29.48
CA SER A 38 23.08 -14.28 -30.23
C SER A 38 24.08 -15.42 -30.39
N SER A 39 24.27 -16.21 -29.34
CA SER A 39 25.29 -17.28 -29.25
C SER A 39 24.75 -18.57 -29.86
N LEU A 40 23.55 -18.51 -30.45
CA LEU A 40 22.97 -19.58 -31.31
C LEU A 40 23.09 -19.10 -32.77
N GLY A 41 24.12 -18.29 -33.04
CA GLY A 41 24.40 -17.72 -34.37
C GLY A 41 23.15 -17.15 -35.03
N CYS A 42 22.29 -16.44 -34.31
CA CYS A 42 21.11 -15.79 -34.93
C CYS A 42 21.38 -14.30 -35.06
N HIS A 43 21.16 -13.76 -36.26
CA HIS A 43 20.97 -12.32 -36.51
C HIS A 43 19.69 -11.93 -35.75
N LEU A 44 19.82 -11.09 -34.73
CA LEU A 44 18.69 -10.67 -33.87
C LEU A 44 18.35 -9.20 -34.14
N LYS A 45 17.11 -8.80 -33.90
CA LYS A 45 16.61 -7.42 -34.00
C LYS A 45 15.64 -7.22 -32.83
N ASP A 46 16.07 -6.47 -31.81
CA ASP A 46 15.31 -6.27 -30.56
C ASP A 46 14.39 -5.07 -30.73
N PHE A 47 13.09 -5.31 -30.90
CA PHE A 47 12.07 -4.28 -31.17
C PHE A 47 11.51 -3.65 -29.89
N GLY A 48 12.03 -4.03 -28.72
CA GLY A 48 11.76 -3.35 -27.44
C GLY A 48 10.43 -3.81 -26.86
N ASP A 49 10.00 -3.21 -25.71
CA ASP A 49 8.65 -3.40 -25.12
C ASP A 49 7.68 -2.34 -25.63
N LEU A 50 6.45 -2.77 -25.91
CA LEU A 50 5.35 -1.90 -26.39
C LEU A 50 4.79 -1.08 -25.26
N SER A 51 4.33 0.12 -25.57
CA SER A 51 3.44 0.97 -24.73
C SER A 51 2.15 0.20 -24.46
N PHE A 52 1.78 0.13 -23.19
CA PHE A 52 0.50 -0.43 -22.70
C PHE A 52 -0.11 0.63 -21.79
N THR A 53 -1.00 1.51 -22.30
CA THR A 53 -1.60 2.68 -21.57
C THR A 53 -3.13 2.65 -21.73
N PRO A 54 -3.95 2.54 -20.65
CA PRO A 54 -5.39 2.28 -20.77
C PRO A 54 -6.22 3.32 -21.53
N VAL A 55 -7.30 2.80 -22.15
CA VAL A 55 -8.22 3.59 -22.99
C VAL A 55 -9.65 3.49 -22.46
N PRO A 56 -10.30 4.65 -22.16
CA PRO A 56 -9.76 5.97 -22.45
C PRO A 56 -9.34 6.79 -21.23
N LYS A 57 -9.21 6.17 -20.03
CA LYS A 57 -8.82 6.85 -18.78
C LYS A 57 -7.50 6.28 -18.28
N ASP A 58 -6.36 6.93 -18.56
CA ASP A 58 -5.05 6.57 -17.98
C ASP A 58 -4.81 7.20 -16.57
N ASP A 59 -5.80 7.22 -15.67
CA ASP A 59 -5.57 7.48 -14.21
C ASP A 59 -5.15 6.18 -13.52
N LEU A 60 -4.50 6.29 -12.37
CA LEU A 60 -3.97 5.18 -11.52
C LEU A 60 -4.82 3.92 -11.51
N TYR A 61 -6.07 4.04 -11.08
CA TYR A 61 -7.00 2.91 -10.81
C TYR A 61 -7.10 2.01 -12.06
N ASN A 62 -7.21 2.63 -13.22
CA ASN A 62 -7.37 1.85 -14.46
C ASN A 62 -6.11 1.07 -14.70
N ASN A 63 -4.96 1.67 -14.36
CA ASN A 63 -3.67 0.96 -14.54
C ASN A 63 -3.69 -0.30 -13.68
N LEU A 64 -4.19 -0.20 -12.46
CA LEU A 64 -4.25 -1.38 -11.60
C LEU A 64 -5.35 -2.30 -12.12
N ILE A 65 -6.47 -1.78 -12.53
CA ILE A 65 -7.53 -2.64 -13.06
C ILE A 65 -7.89 -2.13 -14.45
N VAL A 66 -7.44 -2.84 -15.45
CA VAL A 66 -7.57 -2.42 -16.87
C VAL A 66 -8.86 -2.98 -17.47
N ASN A 67 -9.43 -2.30 -18.45
CA ASN A 67 -10.71 -2.64 -19.11
C ASN A 67 -10.34 -3.46 -20.32
N PRO A 68 -11.23 -4.32 -20.81
CA PRO A 68 -11.03 -5.08 -22.03
C PRO A 68 -10.72 -4.20 -23.23
N ARG A 69 -11.43 -3.10 -23.43
CA ARG A 69 -11.19 -2.23 -24.60
C ARG A 69 -9.68 -1.90 -24.70
N SER A 70 -8.95 -1.94 -23.60
CA SER A 70 -7.56 -1.39 -23.49
C SER A 70 -6.65 -2.46 -24.04
N VAL A 71 -7.03 -3.72 -23.83
CA VAL A 71 -6.21 -4.87 -24.27
C VAL A 71 -6.44 -5.06 -25.75
N GLY A 72 -7.70 -5.05 -26.17
CA GLY A 72 -8.06 -5.38 -27.55
C GLY A 72 -7.32 -4.45 -28.46
N LEU A 73 -7.03 -3.29 -27.92
CA LEU A 73 -6.60 -2.12 -28.70
C LEU A 73 -5.08 -2.06 -28.71
N ALA A 74 -4.46 -2.62 -27.67
CA ALA A 74 -3.01 -2.81 -27.53
C ALA A 74 -2.60 -4.01 -28.36
N ASN A 75 -3.49 -5.01 -28.53
CA ASN A 75 -3.29 -6.13 -29.50
C ASN A 75 -3.28 -5.58 -30.91
N GLN A 76 -4.18 -4.69 -31.28
CA GLN A 76 -4.14 -4.05 -32.62
C GLN A 76 -2.73 -3.48 -32.79
N GLU A 77 -2.25 -2.75 -31.83
CA GLU A 77 -0.93 -2.11 -32.06
C GLU A 77 0.09 -3.25 -32.20
N LEU A 78 -0.18 -4.41 -31.59
CA LEU A 78 0.80 -5.54 -31.60
C LEU A 78 0.78 -6.24 -32.97
N ALA A 79 -0.40 -6.61 -33.48
CA ALA A 79 -0.57 -7.28 -34.78
C ALA A 79 0.22 -6.52 -35.84
N GLU A 80 0.15 -5.19 -35.80
CA GLU A 80 0.85 -4.22 -36.70
C GLU A 80 2.37 -4.41 -36.58
N VAL A 81 2.90 -4.58 -35.38
CA VAL A 81 4.35 -4.62 -35.08
C VAL A 81 4.87 -5.99 -35.48
N VAL A 82 4.08 -7.04 -35.20
CA VAL A 82 4.30 -8.47 -35.65
C VAL A 82 4.30 -8.50 -37.18
N SER A 83 3.26 -7.93 -37.78
CA SER A 83 3.04 -7.92 -39.26
C SER A 83 4.29 -7.40 -39.96
N ARG A 84 4.72 -6.17 -39.60
CA ARG A 84 5.87 -5.47 -40.24
C ARG A 84 7.13 -6.33 -40.06
N ALA A 85 7.26 -6.99 -38.90
CA ALA A 85 8.47 -7.77 -38.54
C ALA A 85 8.52 -9.00 -39.40
N VAL A 86 7.42 -9.73 -39.49
CA VAL A 86 7.33 -10.80 -40.52
C VAL A 86 7.64 -10.20 -41.89
N SER A 87 6.98 -9.10 -42.30
CA SER A 87 7.12 -8.53 -43.67
C SER A 87 8.60 -8.31 -44.01
N ASP A 88 9.45 -7.96 -43.04
CA ASP A 88 10.89 -7.70 -43.27
C ASP A 88 11.75 -8.96 -43.12
N GLY A 89 11.15 -10.15 -43.05
CA GLY A 89 11.91 -11.43 -43.03
C GLY A 89 12.53 -11.69 -41.66
N TYR A 90 11.72 -11.95 -40.63
CA TYR A 90 12.15 -12.25 -39.25
C TYR A 90 11.25 -13.31 -38.64
N SER A 91 11.77 -14.06 -37.69
CA SER A 91 10.93 -14.97 -36.91
C SER A 91 10.56 -14.18 -35.67
N CYS A 92 9.28 -14.15 -35.30
CA CYS A 92 8.84 -13.36 -34.12
C CYS A 92 8.90 -14.21 -32.86
N VAL A 93 9.61 -13.65 -31.89
CA VAL A 93 9.53 -14.07 -30.47
C VAL A 93 8.79 -12.92 -29.82
N THR A 94 7.73 -13.17 -29.10
CA THR A 94 7.03 -12.15 -28.32
C THR A 94 7.05 -12.62 -26.88
N LEU A 95 7.83 -11.94 -26.05
CA LEU A 95 7.87 -12.17 -24.58
C LEU A 95 6.56 -11.57 -24.11
N GLY A 96 5.84 -12.30 -23.26
CA GLY A 96 4.53 -11.87 -22.84
C GLY A 96 4.42 -11.62 -21.33
N GLY A 97 3.38 -10.87 -21.03
CA GLY A 97 2.48 -11.01 -19.91
C GLY A 97 1.35 -11.95 -20.27
N ASP A 98 0.08 -11.57 -20.21
CA ASP A 98 -1.00 -12.60 -20.15
C ASP A 98 -1.23 -13.17 -21.55
N HIS A 99 -1.72 -14.40 -21.64
CA HIS A 99 -1.86 -15.16 -22.91
C HIS A 99 -2.78 -14.47 -23.95
N SER A 100 -3.17 -13.22 -23.72
CA SER A 100 -4.18 -12.52 -24.54
C SER A 100 -3.46 -11.92 -25.71
N LEU A 101 -2.15 -11.83 -25.60
CA LEU A 101 -1.32 -11.13 -26.62
C LEU A 101 -1.39 -12.02 -27.82
N ALA A 102 -1.71 -13.28 -27.59
CA ALA A 102 -1.81 -14.26 -28.68
C ALA A 102 -2.76 -13.66 -29.71
N ILE A 103 -3.72 -12.82 -29.30
CA ILE A 103 -4.73 -12.26 -30.22
C ILE A 103 -4.01 -11.38 -31.24
N GLY A 104 -3.04 -10.61 -30.79
CA GLY A 104 -2.43 -9.60 -31.66
C GLY A 104 -1.38 -10.26 -32.49
N THR A 105 -0.62 -11.21 -31.90
CA THR A 105 0.52 -11.88 -32.63
C THR A 105 -0.01 -12.89 -33.65
N ILE A 106 -1.04 -13.62 -33.32
CA ILE A 106 -1.55 -14.51 -34.38
C ILE A 106 -2.16 -13.65 -35.50
N SER A 107 -2.89 -12.59 -35.15
CA SER A 107 -3.53 -11.67 -36.14
C SER A 107 -2.47 -11.04 -37.01
N GLY A 108 -1.36 -10.65 -36.40
CA GLY A 108 -0.23 -10.08 -37.15
C GLY A 108 0.33 -11.04 -38.17
N HIS A 109 0.73 -12.24 -37.72
CA HIS A 109 1.25 -13.35 -38.55
C HIS A 109 0.31 -13.68 -39.73
N ALA A 110 -0.91 -14.07 -39.41
CA ALA A 110 -1.95 -14.45 -40.37
C ALA A 110 -1.89 -13.51 -41.57
N ARG A 111 -1.74 -12.26 -41.21
CA ARG A 111 -1.79 -11.14 -42.17
C ARG A 111 -0.79 -11.37 -43.35
N HIS A 112 0.49 -11.71 -43.13
CA HIS A 112 1.49 -11.89 -44.24
C HIS A 112 1.67 -13.40 -44.55
N CYS A 113 1.09 -14.26 -43.70
CA CYS A 113 1.09 -15.74 -43.77
C CYS A 113 -0.31 -16.29 -43.49
N PRO A 114 -1.20 -16.33 -44.51
CA PRO A 114 -2.59 -16.71 -44.29
C PRO A 114 -2.82 -18.23 -44.26
N ASP A 115 -1.81 -19.06 -44.59
CA ASP A 115 -1.90 -20.56 -44.49
C ASP A 115 -1.26 -21.04 -43.18
N LEU A 116 -1.02 -20.16 -42.21
CA LEU A 116 -0.24 -20.54 -41.01
C LEU A 116 -1.06 -21.61 -40.30
N CYS A 117 -0.43 -22.43 -39.42
CA CYS A 117 -1.06 -23.25 -38.35
C CYS A 117 -0.45 -22.90 -36.98
N VAL A 118 -1.10 -23.38 -35.90
CA VAL A 118 -0.84 -23.03 -34.48
C VAL A 118 -0.68 -24.33 -33.65
N VAL A 119 0.37 -24.39 -32.83
CA VAL A 119 0.53 -25.37 -31.72
C VAL A 119 0.38 -24.58 -30.44
N TRP A 120 -0.69 -24.81 -29.68
CA TRP A 120 -0.98 -24.11 -28.40
C TRP A 120 -0.57 -25.03 -27.27
N VAL A 121 0.62 -24.82 -26.76
CA VAL A 121 1.17 -25.49 -25.55
C VAL A 121 0.70 -24.70 -24.31
N ASP A 122 0.03 -25.35 -23.36
CA ASP A 122 -0.72 -24.68 -22.27
C ASP A 122 -1.44 -25.71 -21.45
N ALA A 123 -1.64 -25.46 -20.15
CA ALA A 123 -2.52 -26.32 -19.34
C ALA A 123 -3.96 -26.00 -19.66
N HIS A 124 -4.20 -24.81 -20.20
CA HIS A 124 -5.56 -24.23 -20.43
C HIS A 124 -5.76 -24.28 -21.94
N ALA A 125 -6.98 -24.11 -22.41
CA ALA A 125 -7.31 -24.01 -23.84
C ALA A 125 -7.52 -22.57 -24.22
N ASP A 126 -7.58 -21.70 -23.20
CA ASP A 126 -7.76 -20.23 -23.30
C ASP A 126 -8.80 -20.06 -24.40
N ILE A 127 -9.87 -20.84 -24.42
CA ILE A 127 -10.79 -20.73 -25.57
C ILE A 127 -12.20 -20.51 -25.09
N ASN A 128 -12.38 -19.69 -24.07
CA ASN A 128 -13.72 -19.29 -23.63
C ASN A 128 -14.21 -18.20 -24.57
N THR A 129 -15.51 -17.98 -24.68
CA THR A 129 -15.94 -16.76 -25.40
C THR A 129 -16.31 -15.67 -24.40
N PRO A 130 -16.34 -14.40 -24.84
CA PRO A 130 -16.73 -13.30 -23.99
C PRO A 130 -17.99 -13.56 -23.15
N LEU A 131 -18.88 -14.41 -23.63
CA LEU A 131 -20.09 -14.71 -22.86
C LEU A 131 -19.93 -16.00 -22.08
N THR A 132 -18.74 -16.55 -21.95
CA THR A 132 -18.63 -17.84 -21.23
C THR A 132 -17.78 -17.68 -19.98
N THR A 133 -17.01 -16.61 -19.90
CA THR A 133 -16.21 -16.32 -18.69
C THR A 133 -16.35 -14.86 -18.29
N SER A 134 -15.74 -14.51 -17.17
CA SER A 134 -15.86 -13.17 -16.52
C SER A 134 -15.07 -12.12 -17.30
N SER A 135 -15.40 -10.84 -17.04
CA SER A 135 -14.72 -9.64 -17.63
C SER A 135 -13.22 -9.84 -17.52
N GLY A 136 -12.79 -10.48 -16.41
CA GLY A 136 -11.38 -10.64 -16.04
C GLY A 136 -10.65 -11.57 -16.97
N ASN A 137 -11.32 -12.66 -17.39
CA ASN A 137 -10.68 -13.68 -18.27
C ASN A 137 -10.66 -13.13 -19.68
N LEU A 138 -9.53 -12.66 -20.13
CA LEU A 138 -9.39 -12.35 -21.55
C LEU A 138 -8.11 -13.03 -21.93
N HIS A 139 -7.35 -13.37 -20.91
CA HIS A 139 -6.12 -14.14 -21.09
C HIS A 139 -6.56 -15.58 -21.30
N GLY A 140 -7.69 -15.98 -20.71
CA GLY A 140 -8.11 -17.38 -20.81
C GLY A 140 -9.30 -17.41 -21.72
N GLN A 141 -9.20 -16.71 -22.82
CA GLN A 141 -10.37 -16.55 -23.65
C GLN A 141 -10.01 -16.08 -25.05
N PRO A 142 -8.70 -15.92 -25.48
CA PRO A 142 -8.24 -15.31 -26.73
C PRO A 142 -8.46 -16.15 -28.01
N VAL A 143 -8.69 -17.46 -27.90
CA VAL A 143 -8.77 -18.30 -29.11
C VAL A 143 -10.15 -18.21 -29.75
N SER A 144 -11.13 -17.62 -29.15
CA SER A 144 -12.46 -17.55 -29.78
C SER A 144 -12.57 -16.27 -30.60
N PHE A 145 -11.49 -15.55 -30.83
CA PHE A 145 -11.54 -14.30 -31.60
C PHE A 145 -10.80 -14.54 -32.88
N LEU A 146 -9.95 -15.55 -32.84
CA LEU A 146 -9.09 -16.03 -33.95
C LEU A 146 -9.80 -17.15 -34.75
N LEU A 147 -10.35 -18.15 -34.07
CA LEU A 147 -11.02 -19.29 -34.75
C LEU A 147 -12.14 -18.68 -35.57
N ARG A 148 -12.44 -19.26 -36.75
CA ARG A 148 -13.36 -18.62 -37.72
C ARG A 148 -14.74 -19.26 -37.60
N GLU A 149 -14.85 -20.39 -36.89
CA GLU A 149 -16.12 -21.11 -36.71
C GLU A 149 -16.84 -20.57 -35.47
N LEU A 150 -16.21 -19.74 -34.63
CA LEU A 150 -16.85 -19.27 -33.35
C LEU A 150 -17.56 -17.92 -33.48
N GLN A 151 -17.33 -17.16 -34.55
CA GLN A 151 -17.93 -15.82 -34.76
C GLN A 151 -19.45 -15.82 -34.64
N ASP A 152 -20.15 -16.94 -34.76
CA ASP A 152 -21.63 -16.88 -34.56
C ASP A 152 -21.88 -16.68 -33.07
N LYS A 153 -20.96 -17.15 -32.20
CA LYS A 153 -21.16 -17.10 -30.72
C LYS A 153 -20.30 -16.01 -30.05
N VAL A 154 -19.73 -15.09 -30.84
CA VAL A 154 -18.70 -14.13 -30.37
C VAL A 154 -19.18 -12.73 -30.71
N PRO A 155 -19.42 -11.89 -29.66
CA PRO A 155 -19.94 -10.52 -29.81
C PRO A 155 -18.84 -9.47 -30.02
N GLN A 156 -19.27 -8.29 -30.46
CA GLN A 156 -18.34 -7.22 -30.88
C GLN A 156 -18.06 -6.34 -29.65
N LEU A 157 -17.00 -6.65 -28.92
CA LEU A 157 -16.54 -5.78 -27.81
C LEU A 157 -15.81 -4.61 -28.44
N PRO A 158 -15.91 -3.37 -27.96
CA PRO A 158 -15.10 -2.27 -28.48
C PRO A 158 -13.61 -2.50 -28.19
N GLY A 159 -12.75 -2.24 -29.18
CA GLY A 159 -11.34 -2.62 -29.16
C GLY A 159 -11.09 -3.86 -29.98
N PHE A 160 -12.15 -4.57 -30.43
CA PHE A 160 -12.03 -5.94 -31.01
C PHE A 160 -12.69 -6.04 -32.38
N SER A 161 -13.04 -4.93 -33.03
CA SER A 161 -13.76 -4.92 -34.34
C SER A 161 -12.76 -5.04 -35.50
N TRP A 162 -11.49 -4.93 -35.18
CA TRP A 162 -10.38 -5.08 -36.16
C TRP A 162 -10.01 -6.55 -36.28
N ILE A 163 -10.37 -7.38 -35.30
CA ILE A 163 -9.85 -8.78 -35.28
C ILE A 163 -10.62 -9.48 -36.35
N LYS A 164 -9.91 -10.24 -37.18
CA LYS A 164 -10.49 -10.93 -38.36
C LYS A 164 -10.03 -12.38 -38.28
N PRO A 165 -10.95 -13.27 -37.83
CA PRO A 165 -10.61 -14.66 -37.57
C PRO A 165 -9.80 -15.34 -38.69
N CYS A 166 -8.56 -15.64 -38.33
CA CYS A 166 -7.46 -16.11 -39.20
C CYS A 166 -7.07 -17.57 -38.88
N ILE A 167 -7.97 -18.38 -38.34
CA ILE A 167 -7.67 -19.82 -38.13
C ILE A 167 -8.98 -20.63 -38.19
N SER A 168 -8.98 -21.73 -38.94
CA SER A 168 -10.05 -22.77 -38.87
C SER A 168 -9.69 -23.76 -37.75
N SER A 169 -10.69 -24.46 -37.21
CA SER A 169 -10.59 -25.46 -36.11
C SER A 169 -9.58 -26.60 -36.41
N ALA A 170 -9.19 -26.75 -37.68
CA ALA A 170 -8.36 -27.88 -38.16
C ALA A 170 -6.91 -27.42 -38.35
N SER A 171 -6.60 -26.17 -37.91
CA SER A 171 -5.24 -25.58 -38.01
C SER A 171 -4.63 -25.38 -36.63
N ILE A 172 -5.32 -25.67 -35.54
CA ILE A 172 -4.76 -25.52 -34.17
C ILE A 172 -4.74 -26.88 -33.49
N VAL A 173 -3.61 -27.26 -32.92
CA VAL A 173 -3.49 -28.45 -32.03
C VAL A 173 -3.00 -27.96 -30.68
N TYR A 174 -3.66 -28.48 -29.65
CA TYR A 174 -3.35 -28.20 -28.26
C TYR A 174 -2.44 -29.29 -27.74
N ILE A 175 -1.38 -28.93 -27.04
CA ILE A 175 -0.61 -29.87 -26.19
C ILE A 175 -0.63 -29.36 -24.75
N GLY A 176 -1.15 -30.19 -23.86
CA GLY A 176 -0.79 -30.20 -22.44
C GLY A 176 -1.98 -29.84 -21.62
N LEU A 177 -3.21 -30.09 -22.06
CA LEU A 177 -4.37 -29.60 -21.23
C LEU A 177 -4.65 -30.47 -19.97
N ARG A 178 -5.02 -29.85 -18.86
CA ARG A 178 -5.41 -30.50 -17.58
C ARG A 178 -6.44 -29.67 -16.79
N ASP A 179 -6.73 -28.46 -17.26
CA ASP A 179 -7.67 -27.53 -16.58
C ASP A 179 -8.59 -26.87 -17.60
N VAL A 180 -9.75 -27.48 -17.88
CA VAL A 180 -10.58 -27.13 -19.06
C VAL A 180 -11.97 -26.96 -18.49
N ASP A 181 -12.62 -25.80 -18.67
CA ASP A 181 -14.01 -25.62 -18.21
C ASP A 181 -14.97 -26.43 -19.09
N PRO A 182 -16.17 -26.79 -18.57
CA PRO A 182 -17.20 -27.37 -19.42
C PRO A 182 -17.49 -26.61 -20.73
N PRO A 183 -17.61 -25.25 -20.72
CA PRO A 183 -17.87 -24.46 -21.94
C PRO A 183 -16.80 -24.80 -22.98
N GLU A 184 -15.54 -24.75 -22.55
CA GLU A 184 -14.33 -25.03 -23.38
C GLU A 184 -14.45 -26.49 -23.84
N HIS A 185 -14.71 -27.39 -22.91
CA HIS A 185 -14.68 -28.84 -23.21
C HIS A 185 -15.64 -29.11 -24.36
N PHE A 186 -16.86 -28.61 -24.26
CA PHE A 186 -17.87 -28.75 -25.34
C PHE A 186 -17.31 -28.14 -26.61
N ILE A 187 -16.63 -27.01 -26.57
CA ILE A 187 -16.28 -26.35 -27.85
C ILE A 187 -15.33 -27.29 -28.56
N LEU A 188 -14.23 -27.67 -27.89
CA LEU A 188 -13.23 -28.63 -28.45
C LEU A 188 -13.93 -29.79 -29.18
N LYS A 189 -14.82 -30.46 -28.44
CA LYS A 189 -15.63 -31.60 -28.95
C LYS A 189 -16.42 -31.09 -30.16
N ASN A 190 -17.32 -30.13 -29.91
CA ASN A 190 -18.35 -29.78 -30.91
C ASN A 190 -17.70 -29.38 -32.25
N TYR A 191 -16.65 -28.58 -32.27
CA TYR A 191 -16.04 -28.10 -33.53
C TYR A 191 -14.80 -28.93 -33.89
N ASP A 192 -14.58 -30.10 -33.31
CA ASP A 192 -13.59 -31.08 -33.84
C ASP A 192 -12.17 -30.50 -33.97
N ILE A 193 -11.76 -29.70 -32.97
CA ILE A 193 -10.37 -29.21 -32.73
C ILE A 193 -9.62 -30.40 -32.14
N GLN A 194 -8.48 -30.83 -32.69
CA GLN A 194 -7.74 -31.98 -32.09
C GLN A 194 -6.87 -31.46 -30.97
N TYR A 195 -6.66 -32.26 -29.93
CA TYR A 195 -5.82 -31.88 -28.75
C TYR A 195 -5.24 -33.08 -27.99
N PHE A 196 -4.09 -32.87 -27.34
CA PHE A 196 -3.35 -33.88 -26.53
C PHE A 196 -3.23 -33.38 -25.08
N SER A 197 -4.16 -33.86 -24.27
CA SER A 197 -4.23 -33.58 -22.84
C SER A 197 -3.17 -34.42 -22.14
N MET A 198 -2.82 -34.02 -20.92
CA MET A 198 -1.81 -34.66 -20.07
C MET A 198 -2.12 -36.17 -20.02
N ARG A 199 -3.40 -36.52 -20.19
CA ARG A 199 -3.81 -37.95 -20.18
C ARG A 199 -3.25 -38.62 -21.44
N ASP A 200 -3.44 -37.97 -22.58
CA ASP A 200 -3.03 -38.54 -23.90
C ASP A 200 -1.50 -38.60 -23.89
N ILE A 201 -0.79 -37.76 -23.10
CA ILE A 201 0.71 -37.79 -23.08
C ILE A 201 1.19 -38.95 -22.19
N ASP A 202 0.46 -39.19 -21.11
CA ASP A 202 0.74 -40.36 -20.22
C ASP A 202 0.65 -41.60 -21.07
N ARG A 203 -0.36 -41.66 -21.92
CA ARG A 203 -0.68 -42.80 -22.81
C ARG A 203 0.26 -42.86 -24.00
N LEU A 204 0.31 -41.79 -24.78
CA LEU A 204 0.95 -41.86 -26.12
C LEU A 204 2.45 -41.64 -25.98
N GLY A 205 2.89 -40.65 -25.21
CA GLY A 205 4.30 -40.28 -25.14
C GLY A 205 4.46 -38.95 -25.83
N ILE A 206 5.44 -38.12 -25.39
CA ILE A 206 5.69 -36.82 -26.06
C ILE A 206 6.20 -37.07 -27.50
N GLN A 207 6.90 -38.21 -27.76
CA GLN A 207 7.43 -38.59 -29.10
C GLN A 207 6.27 -38.77 -30.08
N LYS A 208 5.35 -39.67 -29.74
CA LYS A 208 4.18 -40.01 -30.61
C LYS A 208 3.26 -38.80 -30.73
N VAL A 209 3.09 -38.05 -29.63
CA VAL A 209 2.28 -36.80 -29.63
C VAL A 209 2.82 -35.95 -30.78
N MET A 210 4.12 -35.67 -30.82
CA MET A 210 4.59 -34.63 -31.77
C MET A 210 4.37 -35.25 -33.15
N GLU A 211 4.71 -36.52 -33.32
CA GLU A 211 4.44 -37.27 -34.58
C GLU A 211 3.00 -36.99 -34.99
N ARG A 212 2.00 -37.33 -34.18
CA ARG A 212 0.55 -37.18 -34.52
C ARG A 212 0.27 -35.71 -34.81
N THR A 213 0.88 -34.80 -34.08
CA THR A 213 0.62 -33.33 -34.19
C THR A 213 1.00 -32.86 -35.58
N PHE A 214 2.22 -33.14 -36.04
CA PHE A 214 2.72 -32.66 -37.34
C PHE A 214 1.88 -33.25 -38.49
N ASP A 215 1.64 -34.56 -38.49
CA ASP A 215 0.73 -35.17 -39.48
C ASP A 215 -0.55 -34.31 -39.61
N LEU A 216 -1.14 -33.83 -38.50
CA LEU A 216 -2.47 -33.18 -38.57
C LEU A 216 -2.26 -31.74 -39.06
N LEU A 217 -1.06 -31.19 -38.88
CA LEU A 217 -0.87 -29.77 -39.26
C LEU A 217 -0.23 -29.69 -40.64
N ILE A 218 0.96 -30.26 -40.82
CA ILE A 218 1.86 -30.09 -42.00
C ILE A 218 2.02 -31.43 -42.73
N GLY A 219 0.98 -32.26 -42.76
CA GLY A 219 1.16 -33.67 -43.14
C GLY A 219 1.10 -33.83 -44.64
N LYS A 220 0.26 -33.02 -45.30
CA LYS A 220 0.05 -33.14 -46.78
C LYS A 220 0.51 -31.82 -47.43
N ARG A 221 0.93 -30.81 -46.65
CA ARG A 221 1.54 -29.59 -47.22
C ARG A 221 2.29 -28.84 -46.14
N GLN A 222 3.41 -28.24 -46.53
CA GLN A 222 4.26 -27.38 -45.67
C GLN A 222 3.51 -26.06 -45.42
N ARG A 223 3.40 -25.63 -44.15
CA ARG A 223 2.81 -24.34 -43.72
C ARG A 223 3.75 -23.64 -42.75
N PRO A 224 3.65 -22.29 -42.55
CA PRO A 224 4.40 -21.62 -41.48
C PRO A 224 3.81 -21.90 -40.10
N ILE A 225 4.65 -22.16 -39.09
CA ILE A 225 4.21 -22.65 -37.73
C ILE A 225 4.23 -21.51 -36.70
N HIS A 226 3.17 -21.43 -35.89
CA HIS A 226 3.04 -20.41 -34.85
C HIS A 226 2.90 -21.11 -33.49
N LEU A 227 4.03 -21.28 -32.79
CA LEU A 227 4.10 -21.79 -31.39
C LEU A 227 3.72 -20.71 -30.40
N SER A 228 2.55 -20.87 -29.81
CA SER A 228 2.06 -20.07 -28.67
C SER A 228 2.27 -20.91 -27.41
N PHE A 229 3.49 -20.91 -26.88
CA PHE A 229 3.85 -21.64 -25.65
C PHE A 229 3.47 -20.82 -24.41
N ASP A 230 2.63 -21.38 -23.54
CA ASP A 230 2.17 -20.79 -22.27
C ASP A 230 2.95 -21.48 -21.18
N ILE A 231 3.51 -20.73 -20.23
CA ILE A 231 4.52 -21.25 -19.26
C ILE A 231 3.82 -22.15 -18.24
N ASP A 232 2.53 -21.96 -17.97
CA ASP A 232 1.87 -22.81 -16.96
C ASP A 232 1.65 -24.22 -17.57
N ALA A 233 2.16 -24.55 -18.76
CA ALA A 233 2.06 -25.93 -19.32
C ALA A 233 3.03 -26.86 -18.60
N PHE A 234 4.17 -26.33 -18.18
CA PHE A 234 5.19 -27.03 -17.36
C PHE A 234 4.65 -27.30 -15.95
N ASP A 235 4.97 -28.45 -15.39
CA ASP A 235 4.45 -28.81 -14.06
C ASP A 235 4.93 -27.71 -13.12
N PRO A 236 4.12 -27.18 -12.16
CA PRO A 236 4.49 -26.04 -11.30
C PRO A 236 5.82 -26.09 -10.52
N THR A 237 6.33 -27.28 -10.28
CA THR A 237 7.62 -27.47 -9.61
C THR A 237 8.68 -26.89 -10.51
N LEU A 238 8.49 -26.91 -11.81
CA LEU A 238 9.48 -26.44 -12.82
C LEU A 238 9.19 -24.96 -13.05
N ALA A 239 7.92 -24.58 -13.04
CA ALA A 239 7.49 -23.19 -13.41
C ALA A 239 6.50 -22.61 -12.38
N PRO A 240 7.03 -22.16 -11.20
CA PRO A 240 6.17 -21.85 -10.07
C PRO A 240 5.65 -20.43 -10.24
N ALA A 241 6.39 -19.57 -10.92
CA ALA A 241 6.09 -18.12 -10.91
C ALA A 241 5.05 -17.81 -11.97
N THR A 242 3.79 -18.20 -11.80
CA THR A 242 2.74 -18.04 -12.90
C THR A 242 1.40 -17.92 -12.19
N GLY A 243 0.41 -17.32 -12.83
CA GLY A 243 -0.91 -17.00 -12.23
C GLY A 243 -1.78 -18.21 -11.98
N THR A 244 -1.89 -19.20 -12.87
CA THR A 244 -2.81 -20.36 -12.72
C THR A 244 -1.97 -21.63 -12.78
N PRO A 245 -1.23 -21.99 -11.70
CA PRO A 245 -0.34 -23.12 -11.75
C PRO A 245 -1.27 -24.28 -11.43
N VAL A 246 -1.26 -25.26 -12.34
CA VAL A 246 -2.06 -26.48 -12.30
C VAL A 246 -1.03 -27.60 -12.21
N VAL A 247 -1.27 -28.59 -11.33
CA VAL A 247 -0.29 -29.69 -11.07
C VAL A 247 -0.40 -30.75 -12.20
N GLY A 248 0.61 -31.59 -12.36
CA GLY A 248 0.60 -32.73 -13.28
C GLY A 248 1.05 -32.36 -14.69
N GLY A 249 1.97 -31.46 -14.88
CA GLY A 249 2.17 -30.86 -16.23
C GLY A 249 3.43 -31.42 -16.85
N LEU A 250 4.01 -30.70 -17.78
CA LEU A 250 5.09 -31.24 -18.60
C LEU A 250 6.31 -31.31 -17.70
N THR A 251 7.13 -32.33 -17.87
CA THR A 251 8.49 -32.30 -17.28
C THR A 251 9.30 -31.33 -18.09
N TYR A 252 10.41 -30.86 -17.54
CA TYR A 252 11.45 -30.19 -18.34
C TYR A 252 11.70 -30.96 -19.63
N ARG A 253 11.98 -32.26 -19.54
CA ARG A 253 12.27 -33.12 -20.72
C ARG A 253 11.14 -33.00 -21.76
N GLU A 254 9.89 -33.27 -21.38
CA GLU A 254 8.77 -33.14 -22.33
C GLU A 254 8.84 -31.76 -23.03
N GLY A 255 9.09 -30.67 -22.31
CA GLY A 255 8.90 -29.32 -22.85
C GLY A 255 9.98 -29.04 -23.85
N MET A 256 11.23 -29.38 -23.52
CA MET A 256 12.34 -29.13 -24.48
C MET A 256 12.04 -29.99 -25.72
N TYR A 257 11.50 -31.19 -25.54
CA TYR A 257 11.25 -32.11 -26.67
C TYR A 257 10.38 -31.41 -27.70
N ILE A 258 9.26 -30.89 -27.22
CA ILE A 258 8.31 -30.10 -28.02
C ILE A 258 9.09 -29.02 -28.75
N ALA A 259 9.91 -28.26 -28.04
CA ALA A 259 10.61 -27.13 -28.70
C ALA A 259 11.52 -27.73 -29.76
N GLU A 260 12.24 -28.77 -29.36
CA GLU A 260 13.28 -29.44 -30.20
C GLU A 260 12.65 -29.86 -31.52
N GLU A 261 11.44 -30.42 -31.41
CA GLU A 261 10.64 -30.94 -32.54
C GLU A 261 10.21 -29.78 -33.45
N ILE A 262 9.74 -28.71 -32.86
CA ILE A 262 9.22 -27.58 -33.68
C ILE A 262 10.38 -27.07 -34.50
N HIS A 263 11.52 -26.84 -33.86
CA HIS A 263 12.72 -26.36 -34.56
C HIS A 263 13.06 -27.32 -35.68
N ASN A 264 12.94 -28.63 -35.45
CA ASN A 264 13.48 -29.65 -36.38
C ASN A 264 12.65 -29.67 -37.66
N THR A 265 11.44 -29.10 -37.67
CA THR A 265 10.68 -28.94 -38.93
C THR A 265 11.28 -27.78 -39.73
N GLY A 266 12.06 -26.90 -39.08
CA GLY A 266 12.58 -25.66 -39.69
C GLY A 266 11.47 -24.83 -40.32
N LEU A 267 10.25 -24.83 -39.76
CA LEU A 267 9.07 -24.11 -40.34
C LEU A 267 8.59 -23.03 -39.36
N LEU A 268 9.21 -22.93 -38.18
CA LEU A 268 8.73 -22.05 -37.09
C LEU A 268 8.80 -20.61 -37.60
N SER A 269 7.76 -19.82 -37.43
CA SER A 269 7.67 -18.46 -38.02
C SER A 269 7.57 -17.38 -36.94
N ALA A 270 6.86 -17.71 -35.86
CA ALA A 270 6.62 -16.84 -34.71
C ALA A 270 6.43 -17.73 -33.48
N LEU A 271 6.83 -17.22 -32.33
CA LEU A 271 6.76 -17.94 -31.04
C LEU A 271 6.28 -16.94 -30.01
N ASP A 272 5.34 -17.36 -29.16
CA ASP A 272 4.82 -16.58 -28.02
C ASP A 272 5.27 -17.31 -26.74
N LEU A 273 5.88 -16.58 -25.77
CA LEU A 273 6.10 -17.17 -24.43
C LEU A 273 5.38 -16.39 -23.33
N VAL A 274 4.29 -16.93 -22.75
CA VAL A 274 3.46 -16.06 -21.89
C VAL A 274 3.17 -16.65 -20.50
N GLU A 275 2.59 -15.80 -19.67
CA GLU A 275 2.08 -16.00 -18.28
C GLU A 275 3.29 -16.08 -17.33
N VAL A 276 4.46 -15.54 -17.68
CA VAL A 276 5.59 -15.42 -16.71
C VAL A 276 5.39 -14.19 -15.76
N ASN A 277 5.09 -14.49 -14.50
CA ASN A 277 4.63 -13.50 -13.48
C ASN A 277 5.54 -13.60 -12.25
N PRO A 278 6.63 -12.81 -12.13
CA PRO A 278 7.56 -12.92 -11.00
C PRO A 278 7.02 -12.51 -9.62
N GLN A 279 5.94 -11.71 -9.58
CA GLN A 279 5.33 -11.28 -8.32
C GLN A 279 4.80 -12.49 -7.57
N LEU A 280 4.55 -13.59 -8.28
CA LEU A 280 3.86 -14.77 -7.71
C LEU A 280 4.86 -15.81 -7.20
N ALA A 281 6.16 -15.55 -7.33
CA ALA A 281 7.23 -16.48 -6.90
C ALA A 281 7.40 -16.44 -5.37
N THR A 282 7.78 -17.57 -4.76
CA THR A 282 8.13 -17.73 -3.31
C THR A 282 9.46 -17.03 -3.02
N SER A 283 10.35 -16.90 -4.03
CA SER A 283 11.68 -16.24 -3.90
C SER A 283 12.18 -15.68 -5.23
N GLU A 284 13.33 -15.05 -5.21
CA GLU A 284 14.03 -14.60 -6.43
C GLU A 284 14.49 -15.83 -7.16
N GLU A 285 14.95 -16.85 -6.42
CA GLU A 285 15.31 -18.16 -7.06
C GLU A 285 14.12 -18.59 -7.93
N GLU A 286 12.91 -18.62 -7.37
CA GLU A 286 11.76 -19.21 -8.08
C GLU A 286 11.44 -18.40 -9.34
N ALA A 287 11.51 -17.07 -9.24
CA ALA A 287 11.26 -16.10 -10.35
C ALA A 287 12.30 -16.34 -11.46
N LYS A 288 13.58 -16.37 -11.05
CA LYS A 288 14.77 -16.63 -11.90
C LYS A 288 14.66 -17.99 -12.57
N THR A 289 14.30 -19.05 -11.85
CA THR A 289 14.32 -20.42 -12.45
C THR A 289 13.19 -20.50 -13.48
N THR A 290 12.04 -19.91 -13.20
CA THR A 290 10.95 -19.87 -14.18
C THR A 290 11.38 -19.18 -15.47
N ALA A 291 12.04 -18.03 -15.38
CA ALA A 291 12.54 -17.30 -16.58
C ALA A 291 13.67 -18.08 -17.20
N ASN A 292 14.46 -18.82 -16.44
CA ASN A 292 15.56 -19.60 -17.04
C ASN A 292 14.98 -20.66 -17.97
N LEU A 293 13.89 -21.28 -17.51
CA LEU A 293 13.15 -22.32 -18.25
C LEU A 293 12.63 -21.67 -19.51
N ALA A 294 12.08 -20.49 -19.39
CA ALA A 294 11.48 -19.78 -20.53
C ALA A 294 12.58 -19.43 -21.53
N VAL A 295 13.80 -19.18 -21.10
CA VAL A 295 14.88 -18.89 -22.07
C VAL A 295 15.26 -20.20 -22.77
N ASP A 296 15.24 -21.33 -22.08
CA ASP A 296 15.53 -22.66 -22.69
C ASP A 296 14.53 -22.99 -23.82
N VAL A 297 13.24 -22.80 -23.56
CA VAL A 297 12.16 -23.12 -24.54
C VAL A 297 12.51 -22.41 -25.84
N ILE A 298 12.73 -21.12 -25.73
CA ILE A 298 12.93 -20.31 -26.94
C ILE A 298 14.18 -20.85 -27.65
N ALA A 299 15.23 -21.03 -26.87
CA ALA A 299 16.58 -21.39 -27.33
C ALA A 299 16.44 -22.66 -28.15
N SER A 300 15.66 -23.61 -27.62
CA SER A 300 15.44 -24.95 -28.23
C SER A 300 14.72 -24.78 -29.56
N SER A 301 13.60 -24.10 -29.50
CA SER A 301 12.78 -23.75 -30.67
C SER A 301 13.64 -23.12 -31.75
N PHE A 302 14.69 -22.37 -31.40
CA PHE A 302 15.60 -21.69 -32.37
C PHE A 302 16.92 -22.43 -32.57
N GLY A 303 16.98 -23.73 -32.29
CA GLY A 303 18.18 -24.56 -32.53
C GLY A 303 18.96 -24.98 -31.30
N GLN A 304 18.64 -24.64 -30.06
CA GLN A 304 19.44 -25.20 -28.93
C GLN A 304 19.18 -26.70 -28.87
N THR A 305 20.16 -27.50 -28.39
CA THR A 305 20.12 -29.00 -28.32
C THR A 305 20.78 -29.47 -27.04
N ARG A 306 20.55 -30.70 -26.62
CA ARG A 306 21.00 -31.23 -25.31
C ARG A 306 22.20 -32.14 -25.52
N GLU A 307 22.68 -32.24 -26.77
CA GLU A 307 23.68 -33.26 -27.18
C GLU A 307 24.77 -32.62 -28.08
N GLY A 308 24.75 -31.29 -28.28
CA GLY A 308 25.75 -30.55 -29.08
C GLY A 308 25.14 -29.86 -30.30
N GLY A 309 25.97 -29.13 -31.05
CA GLY A 309 25.61 -28.49 -32.33
C GLY A 309 26.86 -27.87 -32.96
N HIS A 310 26.67 -26.82 -33.78
CA HIS A 310 27.67 -25.78 -34.18
C HIS A 310 28.83 -26.42 -34.93
N ILE A 311 30.03 -25.86 -34.80
CA ILE A 311 31.17 -26.12 -35.73
C ILE A 311 32.48 -26.26 -34.92
N VAL A 312 33.41 -27.11 -35.38
CA VAL A 312 34.75 -27.39 -34.76
C VAL A 312 35.56 -28.29 -35.73
N TYR A 313 36.91 -28.16 -35.76
CA TYR A 313 37.88 -29.10 -36.41
C TYR A 313 39.23 -29.12 -35.63
N ASP A 314 39.26 -29.76 -34.46
CA ASP A 314 40.08 -29.34 -33.29
C ASP A 314 41.59 -29.63 -33.47
N GLN A 315 42.39 -28.86 -32.74
CA GLN A 315 43.86 -28.72 -32.81
C GLN A 315 44.58 -29.81 -32.03
N LEU A 316 45.92 -29.83 -32.12
CA LEU A 316 46.84 -30.77 -31.43
C LEU A 316 48.14 -30.05 -31.04
N GLN B 7 8.74 -6.38 5.63
CA GLN B 7 8.24 -5.17 6.37
C GLN B 7 8.60 -3.91 5.60
N LEU B 8 7.93 -2.79 5.87
CA LEU B 8 8.29 -1.47 5.30
C LEU B 8 8.76 -0.64 6.48
N LEU B 9 9.82 0.15 6.27
CA LEU B 9 10.50 0.97 7.31
C LEU B 9 10.96 2.33 6.76
N GLU B 10 10.30 3.41 7.17
CA GLU B 10 10.56 4.79 6.68
C GLU B 10 11.54 5.53 7.61
N SER B 11 12.15 6.65 7.13
CA SER B 11 13.23 7.37 7.85
C SER B 11 13.58 8.73 7.19
N GLY B 12 14.32 9.58 7.96
CA GLY B 12 14.84 10.87 7.49
C GLY B 12 13.79 11.94 7.63
N GLY B 13 12.76 11.67 8.44
CA GLY B 13 11.94 12.74 9.05
C GLY B 13 12.70 13.51 10.14
N GLY B 14 12.19 14.67 10.55
CA GLY B 14 12.93 15.60 11.43
C GLY B 14 12.29 16.98 11.44
N LEU B 15 12.87 17.91 12.15
CA LEU B 15 12.30 19.27 12.28
C LEU B 15 12.88 20.10 11.14
N VAL B 16 12.03 20.68 10.29
CA VAL B 16 12.48 21.52 9.15
C VAL B 16 11.74 22.85 9.24
N ARG B 17 12.41 23.92 8.85
CA ARG B 17 11.87 25.29 9.04
C ARG B 17 11.01 25.62 7.85
N PRO B 18 9.88 26.36 7.99
CA PRO B 18 9.04 26.68 6.83
C PRO B 18 9.84 27.25 5.67
N GLY B 19 9.48 26.84 4.45
CA GLY B 19 10.27 27.13 3.25
C GLY B 19 11.27 26.02 3.01
N GLY B 20 11.41 25.13 3.99
CA GLY B 20 12.46 24.09 4.01
C GLY B 20 12.15 22.90 3.12
N SER B 21 13.20 22.12 2.87
CA SER B 21 13.23 20.85 2.11
C SER B 21 13.52 19.70 3.08
N LEU B 22 13.25 18.47 2.63
CA LEU B 22 13.50 17.21 3.39
C LEU B 22 13.32 16.00 2.46
N ARG B 23 13.92 14.86 2.81
CA ARG B 23 13.93 13.65 1.95
C ARG B 23 13.74 12.37 2.77
N LEU B 24 12.59 11.71 2.57
CA LEU B 24 12.24 10.39 3.17
C LEU B 24 12.76 9.24 2.30
N SER B 25 13.06 8.15 3.01
CA SER B 25 13.36 6.82 2.46
C SER B 25 12.34 5.85 3.02
N CYS B 26 11.99 4.85 2.22
CA CYS B 26 11.28 3.66 2.72
C CYS B 26 12.01 2.40 2.27
N ALA B 27 12.56 1.60 3.19
CA ALA B 27 13.27 0.34 2.87
C ALA B 27 12.32 -0.83 3.07
N ALA B 28 11.99 -1.48 1.95
CA ALA B 28 11.09 -2.64 1.83
C ALA B 28 11.94 -3.89 1.99
N SER B 29 11.36 -5.00 2.46
CA SER B 29 12.04 -6.32 2.61
C SER B 29 11.79 -7.22 1.39
N GLU B 30 10.54 -7.32 0.92
CA GLU B 30 10.13 -8.24 -0.19
C GLU B 30 11.02 -8.05 -1.43
N PHE B 31 11.53 -9.11 -2.08
CA PHE B 31 12.07 -9.02 -3.47
C PHE B 31 10.99 -8.65 -4.49
N THR B 32 9.69 -8.82 -4.18
CA THR B 32 8.54 -8.44 -5.04
C THR B 32 8.22 -6.97 -4.94
N PHE B 33 9.04 -6.20 -4.18
CA PHE B 33 8.86 -4.73 -3.98
C PHE B 33 8.89 -4.04 -5.35
N ARG B 34 9.80 -4.50 -6.22
CA ARG B 34 10.03 -3.82 -7.51
C ARG B 34 8.84 -4.08 -8.42
N TYR B 35 8.00 -5.08 -8.14
CA TYR B 35 6.88 -5.43 -9.07
C TYR B 35 5.57 -4.74 -8.67
N ASP B 36 5.60 -3.87 -7.67
CA ASP B 36 4.36 -3.49 -6.97
C ASP B 36 4.34 -1.99 -6.76
N TYR B 37 3.19 -1.38 -7.03
CA TYR B 37 2.94 0.03 -6.71
C TYR B 37 3.15 0.22 -5.20
N HIS B 38 3.72 1.36 -4.82
CA HIS B 38 3.75 1.78 -3.42
C HIS B 38 3.19 3.19 -3.37
N VAL B 39 2.60 3.57 -2.23
CA VAL B 39 2.09 4.94 -2.02
C VAL B 39 2.75 5.55 -0.78
N TRP B 40 2.43 6.84 -0.58
CA TRP B 40 2.76 7.67 0.59
C TRP B 40 1.46 8.25 1.14
N VAL B 41 1.13 7.90 2.38
CA VAL B 41 -0.02 8.49 3.12
C VAL B 41 0.50 9.19 4.38
N ARG B 42 0.07 10.44 4.62
CA ARG B 42 0.46 11.18 5.84
C ARG B 42 -0.76 11.43 6.76
N GLN B 43 -0.47 11.58 8.06
CA GLN B 43 -1.44 11.79 9.16
C GLN B 43 -1.02 13.02 10.02
N ALA B 44 -1.72 14.13 9.77
CA ALA B 44 -1.56 15.39 10.49
C ALA B 44 -1.95 15.08 11.92
N PRO B 45 -1.44 15.79 12.94
CA PRO B 45 -1.34 15.20 14.27
C PRO B 45 -2.75 15.01 14.86
N GLY B 46 -3.23 13.76 14.88
CA GLY B 46 -4.55 13.38 15.41
C GLY B 46 -5.69 13.78 14.48
N LYS B 47 -5.43 14.11 13.22
CA LYS B 47 -6.49 14.23 12.17
C LYS B 47 -6.57 12.85 11.55
N GLY B 48 -7.16 12.74 10.34
CA GLY B 48 -7.21 11.46 9.61
C GLY B 48 -6.01 11.27 8.69
N LEU B 49 -6.21 10.34 7.76
CA LEU B 49 -5.22 9.88 6.75
C LEU B 49 -5.49 10.61 5.43
N GLU B 50 -4.43 11.05 4.76
CA GLU B 50 -4.50 11.76 3.46
C GLU B 50 -3.45 11.08 2.60
N TRP B 51 -3.89 10.50 1.49
CA TRP B 51 -2.98 9.87 0.50
C TRP B 51 -2.27 11.04 -0.18
N VAL B 52 -0.97 10.96 -0.38
CA VAL B 52 -0.14 12.13 -0.78
C VAL B 52 0.43 11.97 -2.20
N SER B 53 0.91 10.76 -2.52
CA SER B 53 1.54 10.31 -3.80
C SER B 53 1.57 8.78 -3.98
N ALA B 54 1.70 8.28 -5.19
CA ALA B 54 1.80 6.82 -5.50
C ALA B 54 2.68 6.65 -6.75
N ILE B 55 3.50 5.58 -6.84
CA ILE B 55 4.50 5.36 -7.95
C ILE B 55 4.36 3.94 -8.52
N SER B 56 4.72 3.66 -9.79
CA SER B 56 4.48 2.33 -10.41
C SER B 56 5.72 1.47 -10.18
N GLY B 57 5.68 0.20 -10.53
CA GLY B 57 6.75 -0.73 -10.14
C GLY B 57 8.06 -0.29 -10.73
N SER B 58 8.02 0.56 -11.74
CA SER B 58 9.17 0.82 -12.64
C SER B 58 9.54 2.30 -12.57
N GLY B 59 8.59 3.14 -12.14
CA GLY B 59 8.75 4.58 -12.00
C GLY B 59 8.49 5.27 -13.30
N GLY B 60 7.74 4.61 -14.15
CA GLY B 60 7.22 5.23 -15.37
C GLY B 60 6.02 6.08 -15.04
N SER B 61 5.30 5.79 -13.95
CA SER B 61 4.10 6.59 -13.63
C SER B 61 4.06 7.04 -12.16
N THR B 62 3.90 8.35 -11.97
CA THR B 62 3.71 8.95 -10.65
C THR B 62 2.40 9.69 -10.61
N TYR B 63 1.75 9.69 -9.47
CA TYR B 63 0.45 10.34 -9.25
C TYR B 63 0.65 11.10 -7.96
N TYR B 64 0.07 12.30 -7.83
CA TYR B 64 0.25 13.22 -6.72
C TYR B 64 -1.12 13.75 -6.28
N ALA B 65 -1.28 14.12 -5.00
CA ALA B 65 -2.51 14.73 -4.46
C ALA B 65 -2.41 16.21 -4.78
N ASP B 66 -3.53 16.86 -5.03
CA ASP B 66 -3.55 18.34 -5.14
C ASP B 66 -2.84 18.96 -3.92
N SER B 67 -2.99 18.33 -2.78
CA SER B 67 -2.45 18.89 -1.52
C SER B 67 -0.93 19.00 -1.63
N VAL B 68 -0.27 18.07 -2.34
CA VAL B 68 1.22 18.08 -2.28
C VAL B 68 1.82 18.20 -3.67
N LYS B 69 1.01 18.36 -4.70
CA LYS B 69 1.53 18.25 -6.10
C LYS B 69 2.57 19.37 -6.32
N SER B 70 3.58 19.05 -7.17
CA SER B 70 4.62 19.97 -7.73
C SER B 70 5.72 20.38 -6.72
N ARG B 71 5.45 20.29 -5.40
CA ARG B 71 6.40 20.50 -4.26
C ARG B 71 7.03 19.13 -3.98
N PHE B 72 6.26 18.05 -4.10
CA PHE B 72 6.72 16.71 -3.63
C PHE B 72 6.88 15.81 -4.85
N THR B 73 7.88 14.98 -4.74
CA THR B 73 8.34 14.18 -5.86
C THR B 73 8.64 12.79 -5.32
N ILE B 74 7.98 11.80 -5.90
CA ILE B 74 8.04 10.40 -5.40
C ILE B 74 9.02 9.71 -6.32
N SER B 75 9.92 8.93 -5.79
CA SER B 75 10.91 8.25 -6.64
C SER B 75 11.13 6.88 -6.00
N ARG B 76 11.74 5.96 -6.74
CA ARG B 76 12.22 4.68 -6.19
C ARG B 76 13.48 4.22 -6.97
N ASP B 77 14.29 3.44 -6.24
CA ASP B 77 15.51 2.75 -6.70
C ASP B 77 15.35 1.27 -6.32
N ASN B 78 14.83 0.48 -7.27
CA ASN B 78 14.57 -0.98 -7.14
C ASN B 78 15.91 -1.68 -6.84
N SER B 79 17.01 -1.24 -7.45
CA SER B 79 18.37 -1.77 -7.16
C SER B 79 18.60 -1.72 -5.65
N LYS B 80 18.12 -0.68 -4.95
CA LYS B 80 18.32 -0.52 -3.47
C LYS B 80 17.04 -0.86 -2.69
N ASN B 81 16.00 -1.41 -3.34
CA ASN B 81 14.74 -1.79 -2.63
C ASN B 81 14.25 -0.61 -1.75
N THR B 82 14.42 0.60 -2.24
CA THR B 82 14.05 1.83 -1.52
C THR B 82 13.11 2.65 -2.39
N LEU B 83 12.07 3.15 -1.76
CA LEU B 83 11.18 4.29 -2.16
C LEU B 83 11.69 5.58 -1.48
N TYR B 84 11.59 6.73 -2.17
CA TYR B 84 11.93 8.09 -1.68
C TYR B 84 10.71 9.04 -1.74
N LEU B 85 10.70 10.14 -0.98
CA LEU B 85 9.75 11.29 -1.17
C LEU B 85 10.55 12.57 -0.95
N GLN B 86 10.76 13.42 -1.96
CA GLN B 86 11.50 14.70 -1.82
C GLN B 86 10.44 15.75 -1.55
N MET B 87 10.63 16.51 -0.45
CA MET B 87 9.64 17.50 0.00
C MET B 87 10.31 18.84 -0.05
N ASN B 88 9.67 19.79 -0.72
CA ASN B 88 10.15 21.17 -0.91
C ASN B 88 9.04 22.12 -0.45
N SER B 89 9.41 23.36 -0.13
CA SER B 89 8.43 24.45 0.12
C SER B 89 7.45 24.04 1.22
N LEU B 90 8.03 23.56 2.31
CA LEU B 90 7.27 22.90 3.37
C LEU B 90 6.62 23.97 4.25
N ARG B 91 5.39 23.69 4.69
CA ARG B 91 4.53 24.52 5.55
C ARG B 91 4.12 23.75 6.80
N ALA B 92 3.67 24.51 7.82
CA ALA B 92 3.04 24.02 9.06
C ALA B 92 2.09 22.85 8.73
N GLU B 93 1.35 22.97 7.64
CA GLU B 93 0.17 22.13 7.33
C GLU B 93 0.64 20.80 6.71
N ASP B 94 1.91 20.72 6.31
CA ASP B 94 2.59 19.45 5.94
C ASP B 94 3.04 18.66 7.18
N THR B 95 3.02 19.26 8.38
CA THR B 95 3.47 18.63 9.63
C THR B 95 2.60 17.40 9.79
N ALA B 96 3.20 16.20 9.72
CA ALA B 96 2.49 14.89 9.79
C ALA B 96 3.48 13.74 9.90
N VAL B 97 3.00 12.60 10.40
CA VAL B 97 3.68 11.28 10.26
C VAL B 97 3.43 10.82 8.82
N TYR B 98 4.49 10.45 8.10
CA TYR B 98 4.46 10.02 6.69
C TYR B 98 4.66 8.49 6.63
N TYR B 99 3.87 7.74 5.88
CA TYR B 99 3.86 6.26 5.90
C TYR B 99 3.96 5.73 4.47
N CYS B 100 4.93 4.85 4.14
CA CYS B 100 4.92 4.10 2.85
C CYS B 100 3.95 2.94 3.02
N ALA B 101 3.50 2.46 1.88
CA ALA B 101 2.54 1.35 1.80
C ALA B 101 2.62 0.69 0.43
N ARG B 102 2.31 -0.58 0.37
CA ARG B 102 2.22 -1.32 -0.90
C ARG B 102 0.78 -1.18 -1.35
N LEU B 103 0.56 -0.98 -2.67
CA LEU B 103 -0.76 -0.86 -3.33
C LEU B 103 -0.95 -1.97 -4.39
N ARG B 104 -2.05 -2.72 -4.27
CA ARG B 104 -2.33 -3.96 -4.99
C ARG B 104 -3.80 -3.95 -5.36
N ALA B 105 -4.19 -4.83 -6.29
CA ALA B 105 -5.55 -4.87 -6.85
C ALA B 105 -6.05 -6.30 -6.86
N ASP B 106 -7.37 -6.36 -6.82
CA ASP B 106 -8.27 -7.54 -6.71
C ASP B 106 -9.64 -7.04 -7.19
N LEU B 107 -10.77 -7.30 -6.53
CA LEU B 107 -12.02 -6.68 -7.06
C LEU B 107 -11.87 -5.16 -7.06
N GLY B 108 -11.28 -4.61 -5.99
CA GLY B 108 -10.84 -3.20 -5.93
C GLY B 108 -9.44 -3.07 -5.39
N LEU B 109 -9.12 -1.88 -4.91
CA LEU B 109 -7.73 -1.56 -4.52
C LEU B 109 -7.68 -1.49 -3.00
N TYR B 110 -6.61 -2.07 -2.44
CA TYR B 110 -6.30 -2.13 -1.00
C TYR B 110 -4.78 -1.98 -0.80
N MET B 111 -4.38 -1.44 0.36
CA MET B 111 -2.98 -1.31 0.84
C MET B 111 -2.70 -2.35 1.94
N ASP B 112 -1.81 -3.30 1.66
CA ASP B 112 -1.77 -4.59 2.41
C ASP B 112 -0.54 -4.61 3.28
N LEU B 113 0.45 -3.85 2.88
CA LEU B 113 1.74 -3.78 3.62
C LEU B 113 2.01 -2.31 4.01
N TRP B 114 2.36 -2.02 5.27
CA TRP B 114 2.59 -0.63 5.74
C TRP B 114 3.83 -0.53 6.63
N GLY B 115 4.27 0.71 6.89
CA GLY B 115 5.45 0.99 7.72
C GLY B 115 5.05 1.62 9.03
N ARG B 116 6.04 1.85 9.90
CA ARG B 116 5.92 2.29 11.31
C ARG B 116 5.61 3.80 11.34
N GLY B 117 6.14 4.52 10.34
CA GLY B 117 5.95 5.98 10.13
C GLY B 117 7.24 6.72 10.36
N THR B 118 7.24 8.01 10.02
CA THR B 118 8.37 8.90 10.34
C THR B 118 7.81 10.32 10.52
N LEU B 119 8.30 11.06 11.52
CA LEU B 119 7.77 12.40 11.89
C LEU B 119 8.42 13.52 11.08
N VAL B 120 7.57 14.35 10.50
CA VAL B 120 7.99 15.65 9.93
C VAL B 120 7.28 16.70 10.73
N THR B 121 8.06 17.57 11.40
CA THR B 121 7.56 18.78 12.05
C THR B 121 8.12 19.95 11.25
N VAL B 122 7.20 20.81 10.81
CA VAL B 122 7.52 22.04 10.04
C VAL B 122 7.02 23.21 10.88
N SER B 123 7.81 23.69 11.82
CA SER B 123 7.47 24.82 12.74
C SER B 123 8.42 25.99 12.52
N SER B 124 7.90 27.22 12.63
CA SER B 124 8.64 28.49 12.36
C SER B 124 9.66 28.72 13.47
N ALA B 125 9.23 28.46 14.73
CA ALA B 125 9.94 28.55 16.01
C ALA B 125 11.39 28.03 15.93
N SER B 126 12.33 28.80 16.49
CA SER B 126 13.78 28.46 16.67
C SER B 126 14.07 27.91 18.08
N THR B 127 15.24 27.28 18.20
CA THR B 127 15.67 26.50 19.38
C THR B 127 15.85 27.49 20.55
N LYS B 128 15.48 27.08 21.76
CA LYS B 128 15.64 27.93 22.97
C LYS B 128 15.48 27.11 24.25
N GLY B 129 15.74 27.74 25.42
CA GLY B 129 15.52 27.14 26.75
C GLY B 129 14.30 27.74 27.42
N PRO B 130 13.74 27.15 28.51
CA PRO B 130 12.52 27.68 29.12
C PRO B 130 12.75 28.54 30.38
N SER B 131 11.86 29.48 30.64
CA SER B 131 11.69 30.11 31.95
C SER B 131 11.01 29.09 32.88
N VAL B 132 11.66 28.79 34.01
CA VAL B 132 11.14 27.87 35.05
C VAL B 132 10.60 28.75 36.17
N PHE B 133 9.43 28.42 36.69
CA PHE B 133 8.73 29.15 37.78
C PHE B 133 8.17 28.11 38.77
N PRO B 134 8.29 28.33 40.10
CA PRO B 134 7.79 27.35 41.05
C PRO B 134 6.25 27.45 41.14
N LEU B 135 5.61 26.31 41.38
CA LEU B 135 4.19 26.22 41.77
C LEU B 135 4.12 25.90 43.26
N ALA B 136 4.15 26.94 44.10
CA ALA B 136 4.15 26.83 45.59
C ALA B 136 2.82 26.23 46.03
N PRO B 137 2.81 25.47 47.16
CA PRO B 137 1.55 25.00 47.74
C PRO B 137 0.87 26.15 48.51
N SER B 138 -0.45 26.06 48.68
CA SER B 138 -1.22 26.98 49.57
C SER B 138 -1.62 26.22 50.84
N GLY B 144 -8.12 17.49 51.65
CA GLY B 144 -6.94 16.60 51.58
C GLY B 144 -5.76 17.12 52.40
N GLY B 145 -5.32 16.35 53.42
CA GLY B 145 -4.14 16.61 54.29
C GLY B 145 -2.85 16.87 53.51
N THR B 146 -2.51 16.04 52.51
CA THR B 146 -1.30 16.18 51.65
C THR B 146 -1.38 17.45 50.80
N ALA B 147 -0.24 17.91 50.32
CA ALA B 147 -0.14 19.05 49.40
C ALA B 147 0.56 18.61 48.11
N ALA B 148 0.21 19.25 46.99
CA ALA B 148 0.92 19.17 45.70
C ALA B 148 1.61 20.51 45.38
N LEU B 149 2.94 20.45 45.18
CA LEU B 149 3.83 21.57 44.78
C LEU B 149 4.50 21.16 43.47
N GLY B 150 5.02 22.11 42.69
CA GLY B 150 5.49 21.81 41.34
C GLY B 150 6.34 22.89 40.74
N CYS B 151 6.68 22.74 39.46
CA CYS B 151 7.41 23.73 38.63
C CYS B 151 6.76 23.83 37.26
N LEU B 152 6.56 25.07 36.79
CA LEU B 152 6.06 25.39 35.44
C LEU B 152 7.27 25.65 34.53
N VAL B 153 7.36 24.87 33.44
CA VAL B 153 8.47 24.97 32.44
C VAL B 153 7.89 25.61 31.17
N LYS B 154 8.19 26.88 30.92
CA LYS B 154 7.42 27.78 30.04
C LYS B 154 8.24 28.17 28.81
N ASP B 155 7.67 28.02 27.61
CA ASP B 155 8.22 28.50 26.30
C ASP B 155 9.59 27.87 26.00
N TYR B 156 9.64 26.57 25.72
CA TYR B 156 10.91 25.87 25.39
C TYR B 156 10.79 25.25 23.99
N PHE B 157 11.82 25.43 23.17
CA PHE B 157 11.77 24.85 21.81
C PHE B 157 13.10 24.19 21.40
N PRO B 158 13.05 22.95 20.86
CA PRO B 158 11.85 22.11 20.80
C PRO B 158 11.71 21.19 22.03
N GLU B 159 11.02 20.06 21.89
CA GLU B 159 11.01 18.96 22.91
C GLU B 159 12.37 18.25 22.92
N PRO B 160 12.76 17.47 23.96
CA PRO B 160 12.06 17.40 25.26
C PRO B 160 12.65 18.32 26.33
N VAL B 161 12.02 18.31 27.51
CA VAL B 161 12.68 18.71 28.77
C VAL B 161 12.68 17.50 29.71
N THR B 162 13.81 17.27 30.38
CA THR B 162 14.10 16.16 31.33
C THR B 162 14.17 16.76 32.74
N VAL B 163 13.37 16.26 33.66
CA VAL B 163 13.08 16.94 34.95
C VAL B 163 13.29 15.95 36.10
N SER B 164 13.93 16.37 37.19
CA SER B 164 14.14 15.55 38.42
C SER B 164 13.86 16.41 39.65
N TRP B 165 13.29 15.87 40.72
CA TRP B 165 13.19 16.60 42.01
C TRP B 165 14.19 16.01 43.00
N ASN B 166 15.15 16.83 43.46
CA ASN B 166 16.26 16.38 44.31
C ASN B 166 16.93 15.22 43.56
N SER B 167 17.26 15.48 42.29
CA SER B 167 18.09 14.63 41.39
C SER B 167 17.60 13.16 41.40
N GLY B 168 16.29 12.94 41.34
CA GLY B 168 15.64 11.61 41.37
C GLY B 168 15.48 11.07 42.78
N ALA B 169 16.20 11.59 43.78
CA ALA B 169 16.04 11.19 45.21
C ALA B 169 14.56 11.38 45.58
N LEU B 170 13.96 12.50 45.18
CA LEU B 170 12.49 12.61 45.32
C LEU B 170 11.85 11.88 44.12
N THR B 171 11.24 10.71 44.34
CA THR B 171 10.66 9.84 43.27
C THR B 171 9.17 9.55 43.51
N SER B 172 8.81 9.02 44.69
CA SER B 172 7.42 8.67 45.05
C SER B 172 6.54 9.92 44.91
N GLY B 173 5.42 9.82 44.18
CA GLY B 173 4.44 10.92 44.04
C GLY B 173 4.82 12.00 43.03
N VAL B 174 5.91 11.88 42.26
CA VAL B 174 6.25 12.89 41.19
C VAL B 174 5.35 12.67 39.96
N HIS B 175 4.67 13.73 39.47
CA HIS B 175 3.73 13.70 38.31
C HIS B 175 4.12 14.80 37.31
N THR B 176 4.62 14.43 36.15
CA THR B 176 4.95 15.39 35.06
C THR B 176 4.00 15.13 33.90
N PHE B 177 3.27 16.16 33.47
CA PHE B 177 2.30 16.06 32.38
C PHE B 177 3.01 16.13 31.05
N PRO B 178 2.33 15.57 30.01
CA PRO B 178 2.60 15.85 28.61
C PRO B 178 2.42 17.35 28.34
N ALA B 179 3.40 17.94 27.66
CA ALA B 179 3.52 19.39 27.40
C ALA B 179 2.40 19.79 26.45
N VAL B 180 2.02 21.05 26.45
CA VAL B 180 1.10 21.60 25.41
C VAL B 180 1.97 22.26 24.34
N LEU B 181 1.62 21.99 23.10
CA LEU B 181 2.18 22.73 21.95
C LEU B 181 1.35 24.01 21.79
N GLN B 182 1.91 25.19 22.07
CA GLN B 182 1.13 26.46 22.03
C GLN B 182 0.91 26.84 20.56
N SER B 183 -0.05 27.74 20.31
N SER B 183 -0.04 27.73 20.28
CA SER B 183 -0.39 28.34 18.99
CA SER B 183 -0.36 28.21 18.91
C SER B 183 0.87 28.88 18.30
C SER B 183 0.89 28.86 18.28
N SER B 184 1.77 29.49 19.07
CA SER B 184 3.10 30.03 18.62
C SER B 184 4.02 28.91 18.07
N GLY B 185 3.85 27.67 18.48
CA GLY B 185 4.85 26.62 18.17
C GLY B 185 5.77 26.35 19.34
N LEU B 186 5.63 27.08 20.45
CA LEU B 186 6.50 26.93 21.66
C LEU B 186 5.80 26.10 22.73
N TYR B 187 6.57 25.24 23.40
CA TYR B 187 6.01 24.22 24.32
C TYR B 187 6.05 24.77 25.73
N SER B 188 5.10 24.31 26.57
CA SER B 188 5.09 24.47 28.05
C SER B 188 4.63 23.14 28.67
N LEU B 189 5.23 22.76 29.81
CA LEU B 189 4.71 21.62 30.61
C LEU B 189 4.76 21.99 32.09
N SER B 190 4.02 21.23 32.88
CA SER B 190 3.87 21.36 34.36
C SER B 190 4.43 20.09 35.05
N SER B 191 5.21 20.26 36.13
CA SER B 191 5.77 19.18 36.98
C SER B 191 5.16 19.30 38.38
N VAL B 192 4.79 18.19 39.03
CA VAL B 192 4.01 18.27 40.29
C VAL B 192 4.32 17.06 41.17
N VAL B 193 4.57 17.28 42.47
CA VAL B 193 4.80 16.18 43.45
C VAL B 193 3.79 16.38 44.60
N THR B 194 3.20 15.30 45.14
CA THR B 194 2.26 15.29 46.30
C THR B 194 3.04 14.92 47.58
N VAL B 195 3.03 15.78 48.61
CA VAL B 195 3.79 15.61 49.90
C VAL B 195 2.85 15.82 51.09
N PRO B 196 3.22 15.39 52.32
CA PRO B 196 2.48 15.71 53.56
C PRO B 196 2.75 17.14 54.06
N SER B 197 1.76 17.81 54.66
CA SER B 197 1.87 19.23 55.09
C SER B 197 2.87 19.44 56.25
N SER B 198 3.14 18.45 57.12
CA SER B 198 4.13 18.59 58.22
C SER B 198 5.50 18.96 57.62
N SER B 199 5.84 18.29 56.51
CA SER B 199 7.20 18.15 55.94
C SER B 199 7.78 19.48 55.40
N LEU B 200 6.96 20.52 55.14
CA LEU B 200 7.37 21.67 54.27
C LEU B 200 8.69 22.33 54.74
N GLY B 201 8.86 22.70 56.02
CA GLY B 201 9.91 23.62 56.50
C GLY B 201 11.28 22.95 56.51
N THR B 202 11.36 21.76 57.13
CA THR B 202 12.62 21.04 57.47
C THR B 202 13.37 20.62 56.19
N GLN B 203 12.68 20.15 55.13
CA GLN B 203 13.31 19.52 53.93
C GLN B 203 13.06 20.37 52.68
N THR B 204 14.12 20.49 51.89
CA THR B 204 14.31 21.32 50.68
C THR B 204 13.56 20.73 49.49
N TYR B 205 12.88 21.56 48.71
CA TYR B 205 12.15 21.09 47.50
C TYR B 205 12.74 21.76 46.27
N ILE B 206 13.45 21.00 45.40
CA ILE B 206 13.97 21.59 44.14
C ILE B 206 13.68 20.68 42.96
N CYS B 207 13.03 21.22 41.94
CA CYS B 207 12.81 20.52 40.65
C CYS B 207 14.00 20.86 39.75
N ASN B 208 15.02 20.00 39.64
CA ASN B 208 16.10 20.18 38.62
C ASN B 208 15.51 19.87 37.23
N VAL B 209 15.90 20.64 36.23
CA VAL B 209 15.27 20.66 34.88
C VAL B 209 16.42 20.70 33.87
N ASN B 210 16.23 20.08 32.71
CA ASN B 210 17.28 20.03 31.66
C ASN B 210 16.65 20.18 30.28
N HIS B 211 17.18 21.13 29.50
CA HIS B 211 16.90 21.35 28.06
C HIS B 211 18.17 21.07 27.26
N LYS B 212 18.59 19.80 27.22
CA LYS B 212 19.90 19.34 26.65
C LYS B 212 20.16 19.96 25.28
N PRO B 213 19.18 20.01 24.36
CA PRO B 213 19.30 20.80 23.12
C PRO B 213 20.05 22.12 23.23
N SER B 214 19.58 22.98 24.13
CA SER B 214 20.17 24.31 24.48
C SER B 214 21.30 24.13 25.52
N ASN B 215 21.47 22.91 26.04
CA ASN B 215 22.48 22.59 27.10
C ASN B 215 22.18 23.52 28.26
N THR B 216 20.88 23.61 28.59
CA THR B 216 20.25 24.52 29.58
C THR B 216 19.81 23.69 30.78
N LYS B 217 20.40 23.90 31.96
CA LYS B 217 20.02 23.23 33.24
C LYS B 217 19.61 24.27 34.29
N VAL B 218 18.41 24.11 34.86
CA VAL B 218 17.81 25.04 35.87
C VAL B 218 17.35 24.26 37.10
N ASP B 219 17.90 24.62 38.24
CA ASP B 219 17.54 24.04 39.55
C ASP B 219 16.63 25.08 40.20
N LYS B 220 15.43 24.70 40.64
CA LYS B 220 14.44 25.66 41.19
C LYS B 220 13.87 25.18 42.52
N ARG B 221 13.98 26.06 43.52
CA ARG B 221 13.52 25.97 44.95
C ARG B 221 12.02 26.35 45.06
N VAL B 222 11.22 25.59 45.81
CA VAL B 222 9.73 25.82 45.92
C VAL B 222 9.34 25.99 47.40
N GLU B 223 9.31 27.24 47.88
CA GLU B 223 8.97 27.59 49.29
C GLU B 223 7.92 28.70 49.46
N PRO B 224 7.40 29.39 48.39
CA PRO B 224 6.40 30.47 48.56
C PRO B 224 4.97 30.14 49.06
N LYS B 225 4.84 29.33 50.12
CA LYS B 225 3.53 28.96 50.74
C LYS B 225 2.98 30.18 51.51
N SER B 226 3.89 30.93 52.15
CA SER B 226 3.66 32.22 52.87
C SER B 226 2.74 32.03 54.08
N CYS B 227 2.84 30.94 54.83
CA CYS B 227 1.87 30.62 55.93
C CYS B 227 2.58 29.98 57.13
N VAL C 7 -13.74 12.99 2.32
CA VAL C 7 -14.82 12.90 1.24
C VAL C 7 -15.85 11.84 1.64
N LEU C 8 -15.36 10.79 2.33
CA LEU C 8 -16.19 9.76 2.99
C LEU C 8 -16.52 10.19 4.43
N THR C 9 -17.77 9.98 4.86
CA THR C 9 -18.22 10.34 6.22
C THR C 9 -18.38 9.06 7.02
N GLN C 10 -17.65 8.99 8.13
CA GLN C 10 -17.91 7.99 9.18
C GLN C 10 -17.98 8.75 10.50
N PRO C 11 -18.98 8.45 11.38
CA PRO C 11 -19.07 9.08 12.69
C PRO C 11 -17.81 8.95 13.57
N PRO C 12 -17.50 9.94 14.45
CA PRO C 12 -16.16 10.12 15.05
C PRO C 12 -15.72 9.14 16.15
N SER C 13 -16.70 8.63 16.91
CA SER C 13 -16.48 7.81 18.13
C SER C 13 -17.48 6.63 18.29
N VAL C 14 -17.08 5.64 19.09
CA VAL C 14 -17.94 4.49 19.49
C VAL C 14 -17.43 3.91 20.82
N SER C 15 -18.35 3.21 21.50
CA SER C 15 -18.33 2.79 22.91
C SER C 15 -18.88 1.35 23.06
N ALA C 16 -18.30 0.53 23.95
CA ALA C 16 -18.92 -0.67 24.59
C ALA C 16 -17.97 -1.29 25.64
N ALA C 17 -18.51 -2.21 26.47
CA ALA C 17 -17.73 -3.02 27.44
C ALA C 17 -17.37 -4.36 26.78
N PRO C 18 -16.22 -4.97 27.14
CA PRO C 18 -15.74 -6.19 26.50
C PRO C 18 -16.83 -7.28 26.40
N GLY C 19 -16.99 -7.91 25.23
CA GLY C 19 -17.96 -8.99 24.99
C GLY C 19 -19.13 -8.55 24.11
N GLN C 20 -19.30 -7.25 23.89
CA GLN C 20 -20.44 -6.68 23.14
C GLN C 20 -20.03 -6.52 21.68
N LYS C 21 -20.82 -5.77 20.90
CA LYS C 21 -20.60 -5.61 19.44
C LYS C 21 -21.07 -4.22 18.93
N VAL C 22 -20.44 -3.71 17.86
CA VAL C 22 -20.80 -2.43 17.14
C VAL C 22 -20.79 -2.62 15.61
N ALA C 23 -21.27 -1.59 14.91
CA ALA C 23 -21.20 -1.34 13.45
C ALA C 23 -20.73 0.10 13.17
N VAL C 24 -19.48 0.32 12.72
CA VAL C 24 -18.95 1.63 12.21
C VAL C 24 -19.47 1.81 10.77
N SER C 25 -20.16 2.92 10.47
CA SER C 25 -20.79 3.16 9.14
C SER C 25 -19.92 4.13 8.34
N CYS C 26 -19.78 3.88 7.02
CA CYS C 26 -19.05 4.74 6.06
C CYS C 26 -19.98 5.15 4.91
N SER C 27 -20.31 6.42 4.85
CA SER C 27 -21.13 7.04 3.79
C SER C 27 -20.21 7.74 2.80
N GLY C 28 -20.45 7.52 1.51
CA GLY C 28 -19.81 8.22 0.37
C GLY C 28 -20.82 8.49 -0.73
N SER C 29 -20.49 8.22 -2.00
CA SER C 29 -21.36 8.68 -3.12
C SER C 29 -21.36 7.69 -4.29
N SER C 30 -22.01 8.10 -5.36
CA SER C 30 -21.88 7.55 -6.74
C SER C 30 -20.41 7.24 -7.07
N SER C 31 -19.51 8.24 -7.04
CA SER C 31 -18.19 8.20 -7.71
C SER C 31 -17.20 7.31 -6.96
N ASN C 32 -17.54 6.84 -5.77
CA ASN C 32 -16.69 5.98 -4.91
C ASN C 32 -17.51 4.77 -4.52
N ILE C 33 -18.12 4.75 -3.34
CA ILE C 33 -18.75 3.54 -2.75
C ILE C 33 -19.86 3.05 -3.67
N GLY C 34 -20.59 3.96 -4.29
CA GLY C 34 -21.66 3.54 -5.20
C GLY C 34 -21.09 2.75 -6.36
N SER C 35 -19.77 2.78 -6.55
CA SER C 35 -19.09 2.45 -7.82
C SER C 35 -17.79 1.70 -7.59
N HIS C 36 -17.24 1.67 -6.36
CA HIS C 36 -15.91 1.05 -6.07
C HIS C 36 -15.91 0.29 -4.75
N TYR C 37 -14.83 -0.44 -4.47
CA TYR C 37 -14.73 -1.40 -3.34
C TYR C 37 -14.07 -0.65 -2.19
N VAL C 38 -14.31 -1.14 -0.97
CA VAL C 38 -14.05 -0.40 0.29
C VAL C 38 -13.19 -1.28 1.16
N SER C 39 -12.11 -0.71 1.69
CA SER C 39 -11.20 -1.40 2.62
C SER C 39 -11.43 -0.82 3.99
N TRP C 40 -10.93 -1.51 5.00
CA TRP C 40 -11.10 -1.15 6.42
C TRP C 40 -9.78 -1.37 7.13
N TYR C 41 -9.24 -0.31 7.74
CA TYR C 41 -7.88 -0.23 8.33
C TYR C 41 -7.97 0.12 9.81
N GLN C 42 -7.24 -0.60 10.66
CA GLN C 42 -7.29 -0.41 12.13
C GLN C 42 -6.01 0.31 12.57
N GLN C 43 -6.21 1.51 13.10
CA GLN C 43 -5.11 2.35 13.60
C GLN C 43 -4.98 2.12 15.09
N LEU C 44 -4.17 1.14 15.51
CA LEU C 44 -3.85 0.95 16.96
C LEU C 44 -3.13 2.21 17.43
N PRO C 45 -3.51 2.77 18.59
CA PRO C 45 -3.01 4.08 19.00
C PRO C 45 -1.48 4.05 18.98
N GLY C 46 -0.87 5.08 18.38
CA GLY C 46 0.60 5.26 18.36
C GLY C 46 1.33 4.28 17.46
N THR C 47 0.60 3.65 16.53
CA THR C 47 1.11 2.73 15.48
C THR C 47 0.52 3.11 14.12
N ALA C 48 1.25 2.86 13.04
CA ALA C 48 0.77 2.77 11.63
C ALA C 48 -0.40 1.81 11.51
N PRO C 49 -1.39 2.14 10.67
CA PRO C 49 -2.57 1.28 10.50
C PRO C 49 -2.26 -0.08 9.85
N LYS C 50 -3.20 -1.01 10.02
CA LYS C 50 -3.10 -2.39 9.47
C LYS C 50 -4.38 -2.68 8.69
N LEU C 51 -4.26 -3.35 7.55
CA LEU C 51 -5.39 -3.76 6.67
C LEU C 51 -6.18 -4.86 7.37
N LEU C 52 -7.50 -4.71 7.45
CA LEU C 52 -8.48 -5.70 7.99
C LEU C 52 -9.31 -6.36 6.87
N ILE C 53 -9.72 -5.57 5.88
CA ILE C 53 -10.80 -5.99 4.95
C ILE C 53 -10.64 -5.24 3.65
N TYR C 54 -10.61 -5.96 2.54
CA TYR C 54 -10.70 -5.42 1.17
C TYR C 54 -11.89 -6.01 0.45
N ASP C 55 -12.19 -5.46 -0.72
CA ASP C 55 -13.34 -5.91 -1.53
C ASP C 55 -14.53 -6.02 -0.59
N ASN C 56 -14.77 -4.98 0.21
CA ASN C 56 -15.99 -4.83 1.04
C ASN C 56 -15.99 -5.80 2.23
N SER C 57 -15.82 -7.11 2.03
CA SER C 57 -15.90 -8.07 3.18
C SER C 57 -14.76 -9.07 3.24
N GLU C 58 -13.71 -8.94 2.42
CA GLU C 58 -12.69 -10.02 2.37
C GLU C 58 -11.73 -9.77 3.51
N ARG C 59 -11.77 -10.62 4.54
CA ARG C 59 -10.81 -10.63 5.67
C ARG C 59 -9.40 -10.86 5.15
N THR C 60 -8.39 -10.43 5.92
CA THR C 60 -6.99 -10.84 5.70
C THR C 60 -6.63 -11.86 6.79
N SER C 61 -5.55 -12.62 6.59
CA SER C 61 -5.10 -13.75 7.44
C SER C 61 -5.03 -13.36 8.93
N GLY C 62 -5.50 -14.23 9.81
CA GLY C 62 -5.24 -14.13 11.27
C GLY C 62 -6.24 -13.21 11.98
N ILE C 63 -6.70 -12.17 11.29
CA ILE C 63 -7.95 -11.43 11.67
C ILE C 63 -9.04 -12.48 11.94
N PRO C 64 -9.67 -12.50 13.14
CA PRO C 64 -10.79 -13.43 13.37
C PRO C 64 -12.09 -12.99 12.65
N ASP C 65 -13.07 -13.88 12.58
CA ASP C 65 -14.36 -13.70 11.86
C ASP C 65 -15.29 -12.77 12.64
N ARG C 66 -14.83 -12.32 13.82
CA ARG C 66 -15.47 -11.25 14.64
C ARG C 66 -15.74 -10.04 13.74
N PHE C 67 -14.75 -9.74 12.91
CA PHE C 67 -14.78 -8.70 11.85
C PHE C 67 -15.52 -9.22 10.61
N SER C 68 -16.34 -8.31 10.08
CA SER C 68 -17.28 -8.49 8.96
C SER C 68 -17.44 -7.11 8.32
N GLY C 69 -17.32 -6.97 7.01
CA GLY C 69 -17.67 -5.74 6.27
C GLY C 69 -18.83 -5.98 5.31
N SER C 70 -19.49 -4.92 4.89
CA SER C 70 -20.69 -5.01 4.05
C SER C 70 -20.87 -3.68 3.33
N LYS C 71 -21.27 -3.71 2.08
CA LYS C 71 -21.49 -2.50 1.26
C LYS C 71 -22.91 -2.59 0.72
N SER C 72 -23.56 -1.44 0.56
CA SER C 72 -24.89 -1.30 -0.08
C SER C 72 -24.93 0.07 -0.74
N GLY C 73 -25.19 0.09 -2.05
CA GLY C 73 -25.20 1.31 -2.89
C GLY C 73 -24.09 2.24 -2.46
N THR C 74 -24.46 3.33 -1.76
CA THR C 74 -23.62 4.54 -1.48
C THR C 74 -23.03 4.47 -0.07
N SER C 75 -23.06 3.31 0.59
CA SER C 75 -22.62 3.17 2.00
C SER C 75 -21.96 1.82 2.32
N ALA C 76 -21.19 1.80 3.40
CA ALA C 76 -20.47 0.62 3.95
C ALA C 76 -20.39 0.68 5.49
N THR C 77 -20.04 -0.45 6.10
CA THR C 77 -20.27 -0.76 7.53
C THR C 77 -19.37 -1.91 8.01
N LEU C 78 -18.64 -1.68 9.08
CA LEU C 78 -17.71 -2.68 9.66
C LEU C 78 -18.33 -3.19 10.97
N GLY C 79 -18.90 -4.39 10.96
CA GLY C 79 -19.34 -5.08 12.18
C GLY C 79 -18.14 -5.63 12.92
N ILE C 80 -18.13 -5.48 14.26
CA ILE C 80 -17.12 -6.11 15.19
C ILE C 80 -17.84 -6.65 16.45
N THR C 81 -17.81 -7.98 16.66
CA THR C 81 -18.50 -8.67 17.77
C THR C 81 -17.48 -9.17 18.80
N GLY C 82 -18.02 -9.63 19.94
CA GLY C 82 -17.25 -10.20 21.06
C GLY C 82 -16.13 -9.26 21.40
N LEU C 83 -16.47 -8.00 21.70
CA LEU C 83 -15.49 -6.88 21.88
C LEU C 83 -14.45 -7.23 22.94
N GLN C 84 -13.23 -6.82 22.69
CA GLN C 84 -12.09 -7.24 23.53
C GLN C 84 -11.22 -6.02 23.80
N THR C 85 -10.41 -6.08 24.84
CA THR C 85 -9.36 -5.04 25.04
C THR C 85 -8.26 -5.29 24.00
N GLY C 86 -7.60 -4.22 23.59
CA GLY C 86 -6.58 -4.33 22.54
C GLY C 86 -7.22 -4.23 21.18
N ASP C 87 -8.55 -4.23 21.14
CA ASP C 87 -9.38 -3.87 19.96
C ASP C 87 -9.53 -2.35 19.86
N GLU C 88 -9.64 -1.66 21.00
CA GLU C 88 -9.95 -0.20 21.00
C GLU C 88 -8.90 0.52 20.16
N ALA C 89 -9.33 1.27 19.14
CA ALA C 89 -8.44 2.00 18.19
C ALA C 89 -9.28 2.86 17.22
N ASP C 90 -8.59 3.44 16.22
CA ASP C 90 -9.19 4.28 15.15
C ASP C 90 -9.41 3.44 13.89
N TYR C 91 -10.65 3.45 13.37
CA TYR C 91 -11.07 2.67 12.18
C TYR C 91 -11.53 3.62 11.05
N TYR C 92 -10.85 3.46 9.92
CA TYR C 92 -11.00 4.27 8.68
C TYR C 92 -11.48 3.39 7.53
N CYS C 93 -12.42 3.91 6.74
CA CYS C 93 -12.86 3.27 5.49
C CYS C 93 -12.06 3.90 4.35
N GLY C 94 -11.84 3.15 3.28
CA GLY C 94 -11.10 3.63 2.11
C GLY C 94 -11.55 2.99 0.81
N THR C 95 -11.54 3.77 -0.25
CA THR C 95 -11.93 3.34 -1.61
C THR C 95 -11.40 4.38 -2.59
N TRP C 96 -11.76 4.23 -3.88
CA TRP C 96 -11.34 5.14 -4.99
C TRP C 96 -12.55 5.93 -5.43
N ASP C 97 -12.37 7.25 -5.62
CA ASP C 97 -13.40 8.18 -6.14
C ASP C 97 -13.06 8.45 -7.59
N GLU C 98 -14.01 8.19 -8.51
CA GLU C 98 -13.76 8.25 -9.97
C GLU C 98 -14.16 9.61 -10.52
N LEU C 99 -14.48 10.58 -9.68
CA LEU C 99 -14.65 11.99 -10.15
C LEU C 99 -13.34 12.74 -10.01
N THR C 100 -12.61 12.59 -8.89
CA THR C 100 -11.37 13.37 -8.61
C THR C 100 -10.12 12.57 -9.00
N SER C 101 -10.25 11.26 -9.20
CA SER C 101 -9.16 10.31 -9.61
C SER C 101 -8.13 10.21 -8.46
N ASN C 102 -8.61 9.83 -7.28
CA ASN C 102 -7.74 9.51 -6.13
C ASN C 102 -8.35 8.42 -5.26
N LEU C 103 -7.53 7.89 -4.38
CA LEU C 103 -7.96 7.12 -3.20
C LEU C 103 -8.40 8.14 -2.16
N VAL C 104 -9.52 7.87 -1.47
CA VAL C 104 -10.13 8.71 -0.40
C VAL C 104 -10.28 7.82 0.84
N PHE C 105 -10.26 8.43 2.02
CA PHE C 105 -10.53 7.75 3.31
C PHE C 105 -11.67 8.52 4.02
N GLY C 106 -12.26 7.89 5.02
CA GLY C 106 -13.16 8.58 5.94
C GLY C 106 -12.27 9.32 6.90
N GLY C 107 -12.83 10.20 7.73
CA GLY C 107 -12.06 10.95 8.75
C GLY C 107 -11.56 10.04 9.85
N GLY C 108 -12.17 8.88 10.04
CA GLY C 108 -11.82 7.96 11.13
C GLY C 108 -12.92 7.90 12.17
N THR C 109 -12.97 6.79 12.92
CA THR C 109 -13.81 6.59 14.13
C THR C 109 -12.96 6.00 15.27
N ARG C 110 -12.99 6.62 16.48
CA ARG C 110 -12.23 6.14 17.66
C ARG C 110 -13.15 5.23 18.47
N LEU C 111 -12.84 3.94 18.56
CA LEU C 111 -13.64 2.98 19.36
C LEU C 111 -12.93 2.74 20.69
N THR C 112 -13.49 3.19 21.82
CA THR C 112 -12.89 2.88 23.14
C THR C 112 -13.69 1.73 23.75
N VAL C 113 -12.99 0.73 24.28
CA VAL C 113 -13.62 -0.44 24.97
C VAL C 113 -13.51 -0.16 26.47
N LEU C 114 -14.63 0.19 27.12
CA LEU C 114 -14.64 0.49 28.57
C LEU C 114 -14.72 -0.83 29.37
N GLY C 115 -13.53 -1.33 29.78
CA GLY C 115 -13.32 -2.43 30.74
C GLY C 115 -12.76 -1.92 32.07
N GLN C 116 -12.68 -0.59 32.28
CA GLN C 116 -12.21 0.08 33.52
C GLN C 116 -13.23 1.11 34.01
N PRO C 117 -13.34 1.34 35.34
CA PRO C 117 -14.34 2.26 35.92
C PRO C 117 -14.15 3.80 35.76
N LYS C 118 -15.30 4.52 35.71
CA LYS C 118 -15.41 5.95 35.26
C LYS C 118 -14.78 6.90 36.30
N ALA C 119 -13.52 6.66 36.68
CA ALA C 119 -12.77 7.56 37.59
C ALA C 119 -12.82 8.96 36.99
N ALA C 120 -13.53 9.86 37.68
CA ALA C 120 -13.58 11.29 37.34
C ALA C 120 -12.20 11.87 37.64
N PRO C 121 -11.82 12.96 36.96
CA PRO C 121 -10.47 13.52 37.10
C PRO C 121 -10.22 14.22 38.47
N SER C 122 -9.01 14.02 39.02
CA SER C 122 -8.41 14.81 40.12
C SER C 122 -7.83 16.09 39.51
N VAL C 123 -8.16 17.27 40.04
CA VAL C 123 -7.78 18.57 39.42
C VAL C 123 -7.00 19.37 40.46
N THR C 124 -5.80 19.84 40.09
CA THR C 124 -4.95 20.80 40.86
C THR C 124 -4.77 22.07 40.02
N LEU C 125 -5.14 23.23 40.59
CA LEU C 125 -5.07 24.55 39.93
C LEU C 125 -4.09 25.42 40.74
N PHE C 126 -3.07 25.98 40.08
CA PHE C 126 -2.04 26.89 40.66
C PHE C 126 -2.24 28.32 40.14
N PRO C 127 -2.10 29.34 41.02
CA PRO C 127 -2.05 30.75 40.59
C PRO C 127 -0.69 31.16 40.01
N PRO C 128 -0.55 32.38 39.39
CA PRO C 128 0.71 32.82 38.81
C PRO C 128 1.79 32.95 39.88
N SER C 129 3.03 32.56 39.58
CA SER C 129 4.20 32.62 40.50
C SER C 129 4.65 34.07 40.74
N SER C 130 5.29 34.34 41.88
CA SER C 130 5.95 35.65 42.15
C SER C 130 6.89 35.95 40.99
N GLU C 131 7.76 34.98 40.67
CA GLU C 131 8.84 35.11 39.66
C GLU C 131 8.24 35.70 38.39
N GLU C 132 7.19 35.02 37.89
CA GLU C 132 6.50 35.33 36.62
C GLU C 132 5.87 36.73 36.71
N LEU C 133 5.14 37.07 37.77
CA LEU C 133 4.48 38.42 37.95
C LEU C 133 5.55 39.54 37.94
N GLN C 134 6.73 39.26 38.52
CA GLN C 134 7.90 40.16 38.62
C GLN C 134 8.43 40.49 37.21
N ALA C 135 8.30 39.50 36.32
CA ALA C 135 8.69 39.58 34.90
C ALA C 135 7.51 40.08 34.06
N ASN C 136 6.43 40.59 34.68
CA ASN C 136 5.29 41.22 33.94
C ASN C 136 4.50 40.15 33.14
N LYS C 137 4.33 38.93 33.65
CA LYS C 137 3.53 37.86 32.97
C LYS C 137 2.70 37.11 34.02
N ALA C 138 1.72 36.31 33.58
CA ALA C 138 0.84 35.53 34.47
C ALA C 138 0.27 34.30 33.72
N THR C 139 0.52 33.10 34.25
CA THR C 139 -0.06 31.81 33.77
C THR C 139 -0.79 31.12 34.94
N LEU C 140 -2.04 30.70 34.72
CA LEU C 140 -2.79 29.76 35.60
C LEU C 140 -2.59 28.34 35.03
N VAL C 141 -2.31 27.35 35.90
CA VAL C 141 -2.01 25.92 35.51
C VAL C 141 -3.07 25.01 36.14
N CYS C 142 -3.82 24.28 35.30
CA CYS C 142 -4.88 23.29 35.65
C CYS C 142 -4.33 21.91 35.30
N LEU C 143 -4.03 21.07 36.30
CA LEU C 143 -3.52 19.69 36.07
C LEU C 143 -4.62 18.68 36.38
N ILE C 144 -4.93 17.83 35.41
CA ILE C 144 -6.10 16.89 35.39
C ILE C 144 -5.58 15.44 35.31
N SER C 145 -5.91 14.56 36.26
CA SER C 145 -5.23 13.23 36.39
C SER C 145 -6.19 12.11 36.80
N ASP C 146 -5.74 10.87 36.60
CA ASP C 146 -6.39 9.59 37.02
C ASP C 146 -7.85 9.55 36.54
N PHE C 147 -8.15 10.01 35.32
CA PHE C 147 -9.53 9.95 34.76
C PHE C 147 -9.64 8.81 33.75
N TYR C 148 -10.85 8.24 33.72
CA TYR C 148 -11.26 7.13 32.83
C TYR C 148 -12.76 7.28 32.55
N PRO C 149 -13.26 7.09 31.29
CA PRO C 149 -12.42 7.04 30.07
C PRO C 149 -11.60 8.31 29.70
N GLY C 150 -10.75 8.24 28.66
CA GLY C 150 -9.81 9.31 28.25
C GLY C 150 -10.46 10.35 27.34
N ALA C 151 -11.45 11.11 27.88
CA ALA C 151 -12.27 12.18 27.23
C ALA C 151 -12.69 13.24 28.28
N VAL C 152 -12.33 14.53 28.10
CA VAL C 152 -12.68 15.70 29.00
C VAL C 152 -12.88 16.98 28.16
N THR C 153 -13.56 18.00 28.73
CA THR C 153 -13.82 19.36 28.13
C THR C 153 -13.67 20.46 29.21
N VAL C 154 -12.99 21.56 28.88
CA VAL C 154 -12.46 22.59 29.85
C VAL C 154 -13.12 23.96 29.61
N ALA C 155 -13.55 24.65 30.67
CA ALA C 155 -14.04 26.05 30.61
C ALA C 155 -13.35 26.85 31.73
N TRP C 156 -12.60 27.88 31.36
CA TRP C 156 -12.05 28.89 32.30
C TRP C 156 -13.12 29.96 32.56
N LYS C 157 -13.18 30.52 33.78
CA LYS C 157 -14.13 31.62 34.11
C LYS C 157 -13.48 32.64 35.07
N ALA C 158 -13.31 33.87 34.56
CA ALA C 158 -12.85 35.05 35.33
C ALA C 158 -14.07 35.59 36.08
N ASP C 159 -14.10 35.38 37.40
CA ASP C 159 -15.33 35.50 38.24
C ASP C 159 -16.41 34.60 37.59
N SER C 160 -17.49 35.19 37.04
CA SER C 160 -18.63 34.44 36.45
C SER C 160 -18.59 34.43 34.90
N SER C 161 -17.63 35.13 34.26
CA SER C 161 -17.54 35.27 32.77
C SER C 161 -16.64 34.20 32.15
N PRO C 162 -17.12 33.50 31.09
CA PRO C 162 -16.30 32.53 30.35
C PRO C 162 -15.10 33.17 29.61
N VAL C 163 -13.95 32.47 29.53
CA VAL C 163 -12.68 32.92 28.88
C VAL C 163 -12.24 31.81 27.91
N LYS C 164 -12.05 32.10 26.61
CA LYS C 164 -11.50 31.15 25.60
C LYS C 164 -10.17 31.68 25.03
N ALA C 165 -9.90 33.00 25.15
CA ALA C 165 -8.66 33.69 24.75
C ALA C 165 -7.51 33.32 25.70
N GLY C 166 -6.32 33.03 25.14
CA GLY C 166 -5.08 32.69 25.88
C GLY C 166 -5.16 31.34 26.57
N VAL C 167 -5.97 30.42 26.04
CA VAL C 167 -6.21 29.05 26.60
C VAL C 167 -5.47 28.06 25.70
N GLU C 168 -4.67 27.20 26.31
CA GLU C 168 -3.94 26.09 25.63
C GLU C 168 -4.25 24.82 26.44
N THR C 169 -4.93 23.83 25.85
CA THR C 169 -5.32 22.55 26.50
C THR C 169 -4.67 21.39 25.74
N THR C 170 -4.01 20.47 26.44
CA THR C 170 -3.44 19.24 25.83
C THR C 170 -4.58 18.22 25.61
N THR C 171 -4.36 17.30 24.68
CA THR C 171 -5.22 16.11 24.52
C THR C 171 -4.93 15.16 25.68
N PRO C 172 -5.91 14.33 26.13
CA PRO C 172 -5.70 13.37 27.22
C PRO C 172 -4.57 12.41 26.85
N SER C 173 -3.85 11.87 27.82
CA SER C 173 -2.73 10.91 27.61
C SER C 173 -2.94 9.74 28.56
N LYS C 174 -2.33 8.61 28.29
CA LYS C 174 -2.47 7.46 29.22
C LYS C 174 -1.45 7.65 30.33
N GLN C 175 -1.82 7.25 31.55
CA GLN C 175 -0.97 7.21 32.79
C GLN C 175 -0.48 5.80 33.07
N SER C 176 0.47 5.66 34.02
CA SER C 176 1.06 4.38 34.51
C SER C 176 -0.01 3.31 34.66
N ASN C 177 -1.16 3.68 35.23
CA ASN C 177 -2.29 2.78 35.61
C ASN C 177 -3.31 2.58 34.47
N ASN C 178 -3.03 3.02 33.23
CA ASN C 178 -3.98 2.98 32.08
C ASN C 178 -5.20 3.92 32.33
N LYS C 179 -5.10 4.85 33.30
CA LYS C 179 -5.98 6.06 33.38
C LYS C 179 -5.29 7.22 32.67
N TYR C 180 -5.93 8.38 32.57
CA TYR C 180 -5.51 9.48 31.67
C TYR C 180 -5.14 10.74 32.48
N ALA C 181 -4.31 11.59 31.87
CA ALA C 181 -3.84 12.87 32.45
C ALA C 181 -3.85 13.96 31.37
N ALA C 182 -4.41 15.15 31.65
CA ALA C 182 -4.40 16.31 30.73
C ALA C 182 -3.99 17.57 31.51
N SER C 183 -3.66 18.64 30.77
CA SER C 183 -3.27 19.97 31.30
C SER C 183 -4.04 21.05 30.52
N SER C 184 -4.27 22.22 31.12
CA SER C 184 -4.80 23.46 30.48
C SER C 184 -4.12 24.67 31.10
N TYR C 185 -3.74 25.64 30.25
CA TYR C 185 -2.93 26.83 30.63
C TYR C 185 -3.71 28.10 30.22
N LEU C 186 -3.98 29.02 31.17
CA LEU C 186 -4.60 30.35 30.91
C LEU C 186 -3.56 31.47 31.07
N SER C 187 -3.22 32.16 29.97
CA SER C 187 -2.32 33.35 29.97
C SER C 187 -3.12 34.62 30.25
N LEU C 188 -2.70 35.39 31.26
CA LEU C 188 -3.26 36.71 31.65
C LEU C 188 -2.13 37.75 31.67
N THR C 189 -2.47 39.05 31.61
CA THR C 189 -1.62 40.15 32.12
C THR C 189 -1.69 40.10 33.65
N PRO C 190 -0.64 40.52 34.37
CA PRO C 190 -0.70 40.64 35.83
C PRO C 190 -1.93 41.44 36.31
N GLU C 191 -2.33 42.47 35.55
CA GLU C 191 -3.44 43.40 35.92
C GLU C 191 -4.78 42.65 35.83
N GLN C 192 -5.00 41.85 34.79
CA GLN C 192 -6.20 40.96 34.65
C GLN C 192 -6.26 40.02 35.87
N TRP C 193 -5.13 39.39 36.26
CA TRP C 193 -5.04 38.49 37.44
C TRP C 193 -5.44 39.22 38.73
N LYS C 194 -4.95 40.46 38.93
CA LYS C 194 -5.10 41.23 40.20
C LYS C 194 -6.49 41.88 40.28
N SER C 195 -7.13 42.13 39.13
CA SER C 195 -8.39 42.91 39.03
C SER C 195 -9.62 42.03 39.32
N HIS C 196 -9.53 40.70 39.13
CA HIS C 196 -10.68 39.76 39.33
C HIS C 196 -10.61 39.16 40.74
N ARG C 197 -11.79 38.86 41.29
CA ARG C 197 -11.92 38.30 42.66
C ARG C 197 -11.40 36.86 42.65
N SER C 198 -11.61 36.13 41.56
CA SER C 198 -11.12 34.73 41.41
C SER C 198 -11.13 34.30 39.94
N TYR C 199 -10.39 33.23 39.64
CA TYR C 199 -10.41 32.48 38.35
C TYR C 199 -10.71 31.01 38.65
N SER C 200 -11.42 30.32 37.75
CA SER C 200 -11.75 28.88 37.92
C SER C 200 -11.64 28.12 36.58
N CYS C 201 -10.96 26.95 36.64
CA CYS C 201 -10.84 25.92 35.57
C CYS C 201 -12.04 24.96 35.75
N GLN C 202 -12.94 24.86 34.78
CA GLN C 202 -14.11 23.95 34.91
C GLN C 202 -13.92 22.80 33.93
N VAL C 203 -13.73 21.58 34.45
CA VAL C 203 -13.41 20.35 33.66
C VAL C 203 -14.66 19.46 33.66
N THR C 204 -15.17 19.10 32.48
CA THR C 204 -16.33 18.18 32.37
C THR C 204 -15.87 16.84 31.78
N HIS C 205 -16.20 15.75 32.48
CA HIS C 205 -15.83 14.34 32.18
C HIS C 205 -17.10 13.49 32.17
N GLU C 206 -17.37 12.84 31.03
CA GLU C 206 -18.60 12.05 30.80
C GLU C 206 -19.82 12.86 31.26
N GLY C 207 -19.89 14.18 31.00
CA GLY C 207 -21.08 15.01 31.31
C GLY C 207 -21.15 15.54 32.75
N SER C 208 -20.18 15.24 33.64
CA SER C 208 -20.10 15.74 35.04
C SER C 208 -18.91 16.70 35.25
N THR C 209 -19.08 17.82 35.98
CA THR C 209 -18.08 18.92 36.04
C THR C 209 -17.29 18.84 37.36
N VAL C 210 -15.98 19.16 37.35
CA VAL C 210 -15.08 19.43 38.53
C VAL C 210 -14.53 20.84 38.35
N GLU C 211 -14.62 21.73 39.35
CA GLU C 211 -14.19 23.15 39.15
C GLU C 211 -13.42 23.65 40.39
N LYS C 212 -12.12 23.89 40.18
CA LYS C 212 -11.14 24.41 41.18
C LYS C 212 -11.02 25.94 40.97
N THR C 213 -10.74 26.70 42.04
CA THR C 213 -10.74 28.19 42.06
C THR C 213 -9.48 28.72 42.77
N VAL C 214 -8.87 29.79 42.24
CA VAL C 214 -7.72 30.50 42.87
C VAL C 214 -7.99 32.01 42.88
N ALA C 215 -7.38 32.69 43.85
CA ALA C 215 -7.42 34.15 44.10
C ALA C 215 -5.99 34.68 44.15
N PRO C 216 -5.77 36.00 43.88
CA PRO C 216 -4.45 36.63 44.07
C PRO C 216 -4.00 36.70 45.55
N THR C 217 -4.92 36.70 46.51
CA THR C 217 -4.58 36.65 47.96
C THR C 217 -3.93 35.29 48.27
N GLU C 218 -2.75 35.31 48.90
CA GLU C 218 -1.89 34.14 49.21
C GLU C 218 -2.66 33.11 50.08
N CYS C 219 -2.52 31.81 49.77
CA CYS C 219 -2.43 30.65 50.71
C CYS C 219 -3.36 30.79 51.92
MN MN D . -2.45 -19.90 -21.67
MN MN E . -2.18 -21.60 -19.01
P PO4 F . -3.83 -19.03 -19.18
O1 PO4 F . -3.33 -20.29 -19.93
O2 PO4 F . -5.34 -18.84 -19.30
O3 PO4 F . -3.50 -19.14 -17.70
O4 PO4 F . -3.17 -17.81 -19.78
#